data_6YKT
#
_entry.id   6YKT
#
_cell.length_a   49.235
_cell.length_b   80.987
_cell.length_c   224.117
_cell.angle_alpha   90.000
_cell.angle_beta   90.000
_cell.angle_gamma   90.000
#
_symmetry.space_group_name_H-M   'P 21 21 21'
#
loop_
_entity.id
_entity.type
_entity.pdbx_description
1 polymer 'Leucine--tRNA ligase'
2 non-polymer '[(2~{R},3~{S},4~{S},5~{R})-3,4-bis(oxidanyl)-5-[3-[4-(4-oxidanylbutyl)-1,2,3-triazol-1-yl]propyl]oxan-2-yl]methyl ~{N}-[(2~{S})-2-azanyl-4-methyl-pentanoyl]sulfamate'
3 non-polymer 1,2-ETHANEDIOL
4 non-polymer 'ZINC ION'
5 non-polymer 'MAGNESIUM ION'
6 water water
#
_entity_poly.entity_id   1
_entity_poly.type   'polypeptide(L)'
_entity_poly.pdbx_seq_one_letter_code
;GMQEHYQPAAIEPAAQKKWDDARISNVSEDASKPKYYCLSMFPYPSGKLHMGHVRNYTIGDVLSRFKLLNGFNVMQPMGW
DAFGMPAENAAMKNNVAPAAWTYDNIEYMKTQLKSLGFAVDWEREVATCKPEYYRWEQWLFTKLFEKGIVYRKNGTVNWD
PVDQTVLANEQVIDGRGWRSGALIEKREIPMYYFKITDYAEELLNDLDKLEHWPEQVKTMQRNWIGKSRGMTVRFAVSDD
SKQGLEGDYAKFLQVYTTRPDTLMGATYVAVAAEHPLATAAAADKPELQAFIAECKAGSVAEADMATMEKKGVPTGRYVV
NPLNGDKLEVWIANYVLWGYGDGAVMAVPAHDERDFEFAAKYNLPKKQVIAVGDNAFDANRWQEWYGDKENGVLVNSGDL
DGLDFQTAFDAVAAKLQSQGAGEPKTQYRLRDWGISRQRYWGCPIPIVHCEKCGNVPVPADQLPVVLPENVVPDGMGSPL
AKMPEFYETSCPCCGGAAKRETDTMDTFIESSWYFFRYMSPKFSDGMVSAESAKYWGAVDQYIGGIEHAILHLLYARFFT
KLMRDEGLVNVDEPFERLLTQGMVVCETYYRENDKGGKDWINPADVELTFDDKGRPVSAVLKADGLPVVISGTEKMSKSK
NNGVDPQELINAYGADTARLFMMFAAPPEQSLEWSDSGVEGAHRFLRRLWRTVYEYLKQGGAVKAFAGNQDGLSKELKDL
RHKLHSTTAKVSDDYGRRQQFNTAIAAVMELLNQYDKTDTGSEQGRAVAQEVLEAAVRLLWPIVPHICETLWSELNGAKL
WEAGWPTVDEAALVKSEIEVMVQVNGKLRGKITVAADASKADLEAAALANEGAVKFMEGKPAKKIIVVPGRLVNIVV
;
_entity_poly.pdbx_strand_id   A
#
# COMPACT_ATOMS: atom_id res chain seq x y z
N MET A 2 37.08 11.10 23.60
CA MET A 2 36.40 10.22 22.64
C MET A 2 37.04 8.84 22.59
N GLN A 3 36.24 7.81 22.85
CA GLN A 3 36.72 6.44 22.84
C GLN A 3 37.25 6.09 21.45
N GLU A 4 38.29 5.27 21.40
CA GLU A 4 38.95 4.98 20.12
C GLU A 4 38.04 4.15 19.21
N HIS A 5 37.31 3.19 19.76
CA HIS A 5 36.59 2.22 18.95
C HIS A 5 35.09 2.44 19.06
N TYR A 6 34.40 2.20 17.95
CA TYR A 6 32.95 2.39 17.87
C TYR A 6 32.26 1.27 18.63
N GLN A 7 31.47 1.64 19.64
CA GLN A 7 30.70 0.66 20.42
C GLN A 7 29.25 1.10 20.49
N PRO A 8 28.38 0.52 19.67
CA PRO A 8 26.99 0.99 19.62
C PRO A 8 26.26 0.87 20.95
N ALA A 9 26.60 -0.12 21.77
CA ALA A 9 25.87 -0.32 23.02
C ALA A 9 26.17 0.75 24.05
N ALA A 10 27.31 1.42 23.94
CA ALA A 10 27.59 2.53 24.84
C ALA A 10 26.86 3.80 24.40
N ILE A 11 26.82 4.07 23.09
CA ILE A 11 26.34 5.36 22.64
C ILE A 11 24.85 5.38 22.29
N GLU A 12 24.25 4.24 21.98
CA GLU A 12 22.87 4.33 21.49
C GLU A 12 21.88 4.64 22.60
N PRO A 13 21.99 4.05 23.81
CA PRO A 13 21.08 4.46 24.88
C PRO A 13 21.28 5.90 25.33
N ALA A 14 22.53 6.36 25.45
CA ALA A 14 22.78 7.75 25.80
C ALA A 14 22.13 8.70 24.79
N ALA A 15 22.25 8.39 23.50
CA ALA A 15 21.66 9.25 22.48
C ALA A 15 20.14 9.28 22.60
N GLN A 16 19.53 8.12 22.88
CA GLN A 16 18.08 8.08 22.99
C GLN A 16 17.61 8.88 24.20
N LYS A 17 18.32 8.79 25.33
CA LYS A 17 17.97 9.62 26.48
C LYS A 17 18.17 11.11 26.17
N LYS A 18 19.18 11.44 25.37
CA LYS A 18 19.39 12.85 25.00
C LYS A 18 18.23 13.38 24.16
N TRP A 19 17.68 12.54 23.28
CA TRP A 19 16.55 12.97 22.47
C TRP A 19 15.27 13.04 23.28
N ASP A 20 15.05 12.06 24.15
CA ASP A 20 13.87 12.08 25.02
C ASP A 20 13.92 13.29 25.96
N ASP A 21 15.07 13.51 26.61
CA ASP A 21 15.20 14.64 27.53
C ASP A 21 14.89 15.96 26.84
N ALA A 22 15.31 16.12 25.59
CA ALA A 22 15.04 17.32 24.83
C ALA A 22 13.65 17.32 24.21
N ARG A 23 12.94 16.19 24.26
CA ARG A 23 11.57 16.08 23.76
C ARG A 23 11.48 16.55 22.32
N ILE A 24 12.51 16.23 21.53
CA ILE A 24 12.55 16.64 20.13
C ILE A 24 11.34 16.11 19.38
N SER A 25 10.84 14.93 19.77
CA SER A 25 9.77 14.27 19.03
C SER A 25 8.39 14.48 19.61
N ASN A 26 8.29 15.13 20.78
CA ASN A 26 6.99 15.38 21.41
C ASN A 26 6.50 16.73 20.91
N VAL A 27 5.68 16.73 19.88
CA VAL A 27 5.32 17.95 19.18
C VAL A 27 3.89 18.32 19.51
N SER A 28 3.58 19.60 19.30
CA SER A 28 2.25 20.14 19.57
C SER A 28 1.83 21.03 18.41
N GLU A 29 0.65 21.62 18.54
CA GLU A 29 0.08 22.45 17.48
C GLU A 29 0.66 23.86 17.51
N ASP A 30 1.99 23.94 17.45
CA ASP A 30 2.69 25.21 17.51
C ASP A 30 2.63 25.90 16.16
N ALA A 31 1.80 26.93 16.04
CA ALA A 31 1.60 27.66 14.78
C ALA A 31 2.83 28.46 14.34
N SER A 32 4.00 28.28 14.98
CA SER A 32 5.22 29.00 14.64
C SER A 32 6.04 28.26 13.59
N LYS A 33 6.29 26.94 13.79
CA LYS A 33 6.99 26.21 12.74
C LYS A 33 5.99 25.64 11.74
N PRO A 34 6.41 25.46 10.49
CA PRO A 34 5.57 24.74 9.53
C PRO A 34 5.49 23.26 9.90
N LYS A 35 4.27 22.73 9.90
CA LYS A 35 4.05 21.35 10.29
C LYS A 35 4.49 20.38 9.20
N TYR A 36 4.83 19.17 9.61
CA TYR A 36 5.03 18.07 8.67
C TYR A 36 4.62 16.79 9.38
N TYR A 37 3.70 16.05 8.76
CA TYR A 37 3.09 14.86 9.32
C TYR A 37 3.59 13.68 8.50
N CYS A 38 4.57 12.96 9.04
CA CYS A 38 5.12 11.78 8.40
C CYS A 38 4.59 10.55 9.11
N LEU A 39 3.92 9.67 8.36
CA LEU A 39 3.22 8.53 8.94
C LEU A 39 3.66 7.24 8.28
N SER A 40 4.01 6.25 9.11
CA SER A 40 4.19 4.88 8.67
C SER A 40 3.01 4.02 9.13
N MET A 41 2.61 3.07 8.30
CA MET A 41 1.46 2.23 8.61
C MET A 41 1.69 1.50 9.92
N PHE A 42 0.78 1.69 10.88
CA PHE A 42 1.03 1.18 12.22
C PHE A 42 0.85 -0.33 12.27
N PRO A 43 1.60 -1.02 13.14
CA PRO A 43 1.70 -2.48 13.07
C PRO A 43 0.60 -3.20 13.84
N TYR A 44 0.41 -4.47 13.47
CA TYR A 44 -0.31 -5.40 14.34
C TYR A 44 0.61 -5.79 15.48
N PRO A 45 0.17 -5.67 16.74
CA PRO A 45 1.00 -6.16 17.84
C PRO A 45 1.05 -7.68 17.85
N SER A 46 1.78 -8.26 16.91
CA SER A 46 1.77 -9.70 16.71
C SER A 46 2.67 -10.45 17.69
N GLY A 47 3.60 -9.75 18.34
CA GLY A 47 4.55 -10.39 19.23
C GLY A 47 5.91 -9.71 19.22
N LYS A 48 6.57 -9.72 18.06
CA LYS A 48 7.87 -9.08 17.89
C LYS A 48 7.88 -8.32 16.58
N LEU A 49 8.79 -7.34 16.47
CA LEU A 49 9.08 -6.75 15.18
C LEU A 49 9.65 -7.81 14.24
N HIS A 50 9.38 -7.64 12.96
CA HIS A 50 10.07 -8.38 11.91
C HIS A 50 10.78 -7.40 11.01
N MET A 51 11.51 -7.91 10.01
CA MET A 51 12.34 -7.05 9.19
C MET A 51 11.53 -6.06 8.36
N GLY A 52 10.29 -6.44 7.99
CA GLY A 52 9.42 -5.49 7.32
C GLY A 52 9.14 -4.27 8.17
N HIS A 53 8.81 -4.49 9.45
CA HIS A 53 8.66 -3.39 10.38
C HIS A 53 9.89 -2.48 10.37
N VAL A 54 11.08 -3.06 10.50
CA VAL A 54 12.28 -2.24 10.60
C VAL A 54 12.48 -1.43 9.33
N ARG A 55 12.25 -2.03 8.17
CA ARG A 55 12.39 -1.29 6.92
C ARG A 55 11.42 -0.11 6.87
N ASN A 56 10.13 -0.39 7.11
CA ASN A 56 9.11 0.65 7.02
C ASN A 56 9.44 1.82 7.97
N TYR A 57 9.75 1.52 9.22
CA TYR A 57 9.86 2.58 10.19
C TYR A 57 11.21 3.28 10.15
N THR A 58 12.25 2.62 9.64
CA THR A 58 13.48 3.35 9.33
C THR A 58 13.24 4.33 8.19
N ILE A 59 12.54 3.90 7.14
CA ILE A 59 12.24 4.80 6.02
C ILE A 59 11.48 6.01 6.53
N GLY A 60 10.47 5.79 7.37
CA GLY A 60 9.72 6.90 7.94
C GLY A 60 10.59 7.82 8.77
N ASP A 61 11.56 7.24 9.50
CA ASP A 61 12.42 8.03 10.37
C ASP A 61 13.43 8.85 9.58
N VAL A 62 13.98 8.30 8.50
CA VAL A 62 14.86 9.08 7.63
C VAL A 62 14.15 10.34 7.16
N LEU A 63 12.93 10.18 6.63
CA LEU A 63 12.17 11.31 6.13
C LEU A 63 11.80 12.28 7.26
N SER A 64 11.42 11.75 8.43
CA SER A 64 11.04 12.61 9.54
C SER A 64 12.22 13.41 10.07
N ARG A 65 13.36 12.75 10.27
CA ARG A 65 14.53 13.44 10.79
C ARG A 65 15.07 14.45 9.78
N PHE A 66 15.05 14.08 8.49
CA PHE A 66 15.40 15.02 7.43
C PHE A 66 14.59 16.30 7.54
N LYS A 67 13.27 16.18 7.56
CA LYS A 67 12.41 17.37 7.67
C LYS A 67 12.61 18.10 8.98
N LEU A 68 12.82 17.34 10.06
CA LEU A 68 13.12 17.98 11.34
C LEU A 68 14.34 18.89 11.23
N LEU A 69 15.40 18.40 10.59
CA LEU A 69 16.61 19.19 10.42
C LEU A 69 16.40 20.39 9.50
N ASN A 70 15.32 20.38 8.71
CA ASN A 70 15.01 21.51 7.86
C ASN A 70 14.02 22.48 8.51
N GLY A 71 13.78 22.36 9.81
CA GLY A 71 12.99 23.34 10.53
C GLY A 71 11.50 23.10 10.59
N PHE A 72 11.05 21.89 10.26
CA PHE A 72 9.62 21.58 10.29
C PHE A 72 9.22 21.09 11.68
N ASN A 73 7.96 21.36 12.03
CA ASN A 73 7.33 20.80 13.23
C ASN A 73 6.83 19.41 12.83
N VAL A 74 7.62 18.37 13.12
CA VAL A 74 7.39 17.05 12.57
C VAL A 74 6.58 16.22 13.57
N MET A 75 5.45 15.69 13.13
CA MET A 75 4.73 14.67 13.88
C MET A 75 4.96 13.32 13.22
N GLN A 76 5.59 12.39 13.95
CA GLN A 76 5.77 11.01 13.52
C GLN A 76 5.20 10.10 14.59
N PRO A 77 3.91 9.77 14.52
CA PRO A 77 3.26 9.01 15.58
C PRO A 77 3.26 7.51 15.30
N MET A 78 3.10 6.74 16.38
CA MET A 78 3.07 5.28 16.28
C MET A 78 2.00 4.72 17.19
N GLY A 79 1.49 3.55 16.83
CA GLY A 79 0.41 2.94 17.57
C GLY A 79 0.20 1.51 17.12
N TRP A 80 -0.92 0.93 17.54
CA TRP A 80 -1.12 -0.50 17.43
C TRP A 80 -2.49 -0.80 16.84
N ASP A 81 -2.48 -1.40 15.64
CA ASP A 81 -3.65 -1.98 14.98
C ASP A 81 -3.91 -3.31 15.68
N ALA A 82 -4.64 -3.25 16.79
CA ALA A 82 -4.58 -4.29 17.82
C ALA A 82 -5.66 -5.36 17.71
N PHE A 83 -6.75 -5.11 16.99
CA PHE A 83 -7.81 -6.09 16.83
C PHE A 83 -7.51 -7.05 15.67
N GLY A 84 -8.16 -8.20 15.70
CA GLY A 84 -8.07 -9.15 14.62
C GLY A 84 -7.84 -10.56 15.10
N MET A 85 -7.66 -11.44 14.11
CA MET A 85 -7.59 -12.89 14.30
C MET A 85 -6.32 -13.43 14.98
N PRO A 86 -5.14 -12.83 14.76
CA PRO A 86 -3.94 -13.32 15.47
C PRO A 86 -4.15 -13.53 16.96
N ALA A 87 -4.69 -12.52 17.65
CA ALA A 87 -4.90 -12.66 19.09
C ALA A 87 -5.92 -13.76 19.40
N GLU A 88 -6.90 -13.95 18.53
CA GLU A 88 -7.90 -15.00 18.77
C GLU A 88 -7.28 -16.39 18.61
N ASN A 89 -6.47 -16.59 17.58
CA ASN A 89 -5.81 -17.88 17.43
C ASN A 89 -4.82 -18.13 18.56
N ALA A 90 -3.99 -17.12 18.88
CA ALA A 90 -3.09 -17.23 20.01
C ALA A 90 -3.85 -17.52 21.29
N ALA A 91 -5.06 -16.97 21.43
CA ALA A 91 -5.90 -17.26 22.59
C ALA A 91 -6.33 -18.73 22.60
N MET A 92 -6.61 -19.30 21.42
CA MET A 92 -6.97 -20.70 21.38
C MET A 92 -5.75 -21.60 21.57
N LYS A 93 -4.59 -21.19 21.06
CA LYS A 93 -3.39 -21.99 21.23
C LYS A 93 -2.94 -22.00 22.68
N ASN A 94 -2.62 -20.83 23.23
CA ASN A 94 -2.00 -20.73 24.55
C ASN A 94 -3.01 -20.58 25.69
N ASN A 95 -4.31 -20.59 25.40
CA ASN A 95 -5.37 -20.48 26.41
C ASN A 95 -5.22 -19.22 27.26
N VAL A 96 -5.00 -18.09 26.60
CA VAL A 96 -4.87 -16.79 27.24
C VAL A 96 -5.87 -15.82 26.61
N ALA A 97 -6.07 -14.69 27.27
CA ALA A 97 -7.05 -13.77 26.73
C ALA A 97 -6.43 -12.94 25.61
N PRO A 98 -7.17 -12.72 24.51
CA PRO A 98 -6.59 -11.93 23.41
C PRO A 98 -6.13 -10.55 23.83
N ALA A 99 -6.84 -9.92 24.77
CA ALA A 99 -6.41 -8.60 25.28
C ALA A 99 -5.07 -8.69 25.99
N ALA A 100 -4.95 -9.66 26.92
CA ALA A 100 -3.70 -9.82 27.65
C ALA A 100 -2.53 -10.12 26.72
N TRP A 101 -2.73 -11.07 25.81
CA TRP A 101 -1.73 -11.36 24.79
C TRP A 101 -1.36 -10.11 24.02
N THR A 102 -2.35 -9.29 23.66
CA THR A 102 -2.10 -8.09 22.87
C THR A 102 -1.28 -7.06 23.65
N TYR A 103 -1.68 -6.79 24.89
CA TYR A 103 -0.98 -5.78 25.67
C TYR A 103 0.45 -6.19 26.02
N ASP A 104 0.70 -7.49 26.16
CA ASP A 104 2.09 -7.92 26.33
C ASP A 104 2.89 -7.69 25.07
N ASN A 105 2.36 -8.08 23.91
CA ASN A 105 3.03 -7.83 22.64
C ASN A 105 3.34 -6.34 22.46
N ILE A 106 2.33 -5.48 22.70
CA ILE A 106 2.50 -4.03 22.55
C ILE A 106 3.69 -3.56 23.38
N GLU A 107 3.77 -4.01 24.63
CA GLU A 107 4.85 -3.54 25.50
C GLU A 107 6.20 -4.02 25.02
N TYR A 108 6.30 -5.27 24.56
CA TYR A 108 7.56 -5.75 24.04
C TYR A 108 7.95 -5.03 22.75
N MET A 109 6.99 -4.86 21.83
CA MET A 109 7.32 -4.25 20.55
C MET A 109 7.63 -2.77 20.71
N LYS A 110 6.98 -2.10 21.65
CA LYS A 110 7.32 -0.71 21.93
C LYS A 110 8.79 -0.58 22.33
N THR A 111 9.25 -1.47 23.23
CA THR A 111 10.66 -1.42 23.65
C THR A 111 11.58 -1.57 22.46
N GLN A 112 11.25 -2.46 21.53
CA GLN A 112 12.10 -2.67 20.36
C GLN A 112 12.14 -1.42 19.49
N LEU A 113 10.98 -0.80 19.24
CA LEU A 113 10.94 0.43 18.48
C LEU A 113 11.82 1.51 19.13
N LYS A 114 11.67 1.71 20.45
CA LYS A 114 12.51 2.68 21.15
C LYS A 114 13.99 2.38 20.94
N SER A 115 14.36 1.10 21.04
CA SER A 115 15.77 0.74 20.95
C SER A 115 16.34 1.03 19.58
N LEU A 116 15.51 1.07 18.54
CA LEU A 116 15.96 1.42 17.20
C LEU A 116 16.11 2.92 17.00
N GLY A 117 15.67 3.73 17.97
CA GLY A 117 15.90 5.16 17.93
C GLY A 117 15.00 5.93 17.00
N PHE A 118 13.76 5.47 16.82
CA PHE A 118 12.82 6.17 15.95
C PHE A 118 12.31 7.42 16.66
N ALA A 119 12.40 8.57 15.98
CA ALA A 119 11.98 9.86 16.53
C ALA A 119 10.45 9.95 16.50
N VAL A 120 9.83 9.23 17.43
CA VAL A 120 8.39 9.01 17.46
C VAL A 120 7.79 9.77 18.63
N ASP A 121 6.64 10.41 18.39
CA ASP A 121 5.91 11.12 19.46
C ASP A 121 5.09 10.10 20.24
N TRP A 122 5.71 9.52 21.28
CA TRP A 122 5.05 8.47 22.04
C TRP A 122 3.91 9.00 22.90
N GLU A 123 3.81 10.32 23.08
CA GLU A 123 2.66 10.89 23.76
C GLU A 123 1.40 10.83 22.90
N ARG A 124 1.53 10.43 21.64
CA ARG A 124 0.39 10.27 20.74
C ARG A 124 0.06 8.82 20.46
N GLU A 125 0.69 7.89 21.17
CA GLU A 125 0.43 6.46 21.00
C GLU A 125 -1.05 6.14 21.15
N VAL A 126 -1.56 5.29 20.27
CA VAL A 126 -2.91 4.77 20.40
C VAL A 126 -2.85 3.25 20.30
N ALA A 127 -3.80 2.61 20.98
CA ALA A 127 -4.02 1.18 20.85
C ALA A 127 -5.49 1.01 20.49
N THR A 128 -5.75 0.52 19.27
CA THR A 128 -7.12 0.54 18.74
C THR A 128 -8.07 -0.39 19.47
N CYS A 129 -7.57 -1.29 20.32
CA CYS A 129 -8.44 -2.18 21.08
C CYS A 129 -8.89 -1.55 22.39
N LYS A 130 -8.43 -0.34 22.69
CA LYS A 130 -8.88 0.35 23.90
C LYS A 130 -10.23 1.00 23.64
N PRO A 131 -11.14 0.99 24.61
CA PRO A 131 -12.44 1.67 24.43
C PRO A 131 -12.30 3.14 24.10
N GLU A 132 -11.26 3.81 24.61
CA GLU A 132 -11.04 5.22 24.32
C GLU A 132 -10.72 5.47 22.85
N TYR A 133 -10.31 4.43 22.12
CA TYR A 133 -10.17 4.55 20.67
C TYR A 133 -11.45 4.13 19.95
N TYR A 134 -11.87 2.88 20.10
CA TYR A 134 -12.89 2.37 19.19
C TYR A 134 -14.27 2.95 19.48
N ARG A 135 -14.49 3.59 20.62
CA ARG A 135 -15.77 4.24 20.86
C ARG A 135 -16.09 5.26 19.77
N TRP A 136 -15.05 5.87 19.18
CA TRP A 136 -15.30 6.92 18.20
C TRP A 136 -15.70 6.37 16.84
N GLU A 137 -15.29 5.13 16.51
CA GLU A 137 -15.84 4.55 15.28
C GLU A 137 -17.22 3.95 15.51
N GLN A 138 -17.52 3.55 16.74
CA GLN A 138 -18.90 3.22 17.08
C GLN A 138 -19.78 4.45 16.95
N TRP A 139 -19.30 5.60 17.46
CA TRP A 139 -20.04 6.86 17.31
C TRP A 139 -20.32 7.15 15.85
N LEU A 140 -19.29 7.12 15.01
CA LEU A 140 -19.47 7.43 13.59
C LEU A 140 -20.40 6.42 12.94
N PHE A 141 -20.27 5.14 13.32
CA PHE A 141 -21.20 4.11 12.83
C PHE A 141 -22.64 4.53 13.09
N THR A 142 -22.97 4.91 14.33
CA THR A 142 -24.35 5.25 14.67
C THR A 142 -24.87 6.41 13.83
N LYS A 143 -24.04 7.44 13.64
CA LYS A 143 -24.47 8.59 12.83
C LYS A 143 -24.74 8.19 11.39
N LEU A 144 -23.78 7.48 10.78
CA LEU A 144 -23.99 7.01 9.42
C LEU A 144 -25.17 6.06 9.35
N PHE A 145 -25.36 5.24 10.39
CA PHE A 145 -26.47 4.29 10.42
C PHE A 145 -27.81 5.02 10.35
N GLU A 146 -27.97 6.09 11.12
CA GLU A 146 -29.22 6.83 11.09
C GLU A 146 -29.42 7.55 9.76
N LYS A 147 -28.34 7.84 9.04
CA LYS A 147 -28.42 8.43 7.70
C LYS A 147 -28.60 7.40 6.60
N GLY A 148 -28.49 6.11 6.90
CA GLY A 148 -28.53 5.10 5.87
C GLY A 148 -27.25 4.94 5.11
N ILE A 149 -26.19 5.66 5.48
CA ILE A 149 -24.87 5.39 4.89
C ILE A 149 -24.34 4.06 5.39
N VAL A 150 -24.69 3.68 6.61
CA VAL A 150 -24.54 2.31 7.08
C VAL A 150 -25.93 1.70 7.13
N TYR A 151 -26.04 0.46 6.66
CA TYR A 151 -27.35 -0.20 6.62
C TYR A 151 -27.16 -1.69 6.83
N ARG A 152 -28.25 -2.34 7.21
CA ARG A 152 -28.29 -3.77 7.50
C ARG A 152 -29.12 -4.45 6.44
N LYS A 153 -28.61 -5.59 5.93
CA LYS A 153 -29.24 -6.29 4.82
C LYS A 153 -28.72 -7.73 4.84
N ASN A 154 -29.54 -8.66 4.37
CA ASN A 154 -29.11 -10.05 4.28
C ASN A 154 -28.04 -10.21 3.21
N GLY A 155 -26.96 -10.92 3.55
CA GLY A 155 -25.94 -11.29 2.59
C GLY A 155 -25.63 -12.77 2.70
N THR A 156 -24.80 -13.24 1.77
CA THR A 156 -24.43 -14.65 1.68
C THR A 156 -22.98 -14.82 2.15
N VAL A 157 -22.77 -15.74 3.09
CA VAL A 157 -21.44 -16.03 3.62
C VAL A 157 -21.14 -17.52 3.43
N ASN A 158 -19.85 -17.86 3.61
CA ASN A 158 -19.39 -19.25 3.60
C ASN A 158 -19.32 -19.74 5.04
N TRP A 159 -20.20 -20.68 5.38
CA TRP A 159 -20.22 -21.25 6.72
C TRP A 159 -19.45 -22.57 6.71
N ASP A 160 -18.44 -22.67 7.59
CA ASP A 160 -17.75 -23.93 7.84
C ASP A 160 -18.44 -24.62 9.01
N PRO A 161 -19.16 -25.73 8.78
CA PRO A 161 -19.94 -26.34 9.87
C PRO A 161 -19.11 -27.13 10.86
N VAL A 162 -17.84 -27.39 10.57
CA VAL A 162 -16.97 -28.11 11.50
C VAL A 162 -16.23 -27.14 12.42
N ASP A 163 -15.65 -26.07 11.86
CA ASP A 163 -15.00 -25.05 12.65
C ASP A 163 -15.98 -24.00 13.21
N GLN A 164 -17.23 -24.03 12.78
CA GLN A 164 -18.27 -23.15 13.33
C GLN A 164 -17.91 -21.67 13.16
N THR A 165 -17.44 -21.31 11.98
CA THR A 165 -17.09 -19.92 11.73
C THR A 165 -17.28 -19.60 10.26
N VAL A 166 -17.33 -18.30 9.96
CA VAL A 166 -17.48 -17.80 8.61
C VAL A 166 -16.11 -17.66 7.97
N LEU A 167 -16.00 -18.05 6.70
CA LEU A 167 -14.74 -18.03 5.96
C LEU A 167 -14.84 -17.13 4.75
N ALA A 168 -13.76 -16.42 4.45
CA ALA A 168 -13.67 -15.69 3.20
C ALA A 168 -13.40 -16.65 2.05
N ASN A 169 -13.67 -16.17 0.84
CA ASN A 169 -13.40 -16.96 -0.35
C ASN A 169 -11.95 -17.43 -0.40
N GLU A 170 -11.04 -16.60 0.10
CA GLU A 170 -9.62 -16.96 0.13
C GLU A 170 -9.38 -18.17 1.00
N GLN A 171 -10.24 -18.40 1.98
CA GLN A 171 -10.08 -19.49 2.92
C GLN A 171 -10.84 -20.75 2.52
N VAL A 172 -11.45 -20.76 1.34
CA VAL A 172 -12.17 -21.92 0.82
C VAL A 172 -11.32 -22.53 -0.30
N ILE A 173 -11.00 -23.82 -0.16
CA ILE A 173 -10.19 -24.54 -1.12
C ILE A 173 -11.03 -25.70 -1.65
N ASP A 174 -11.40 -25.62 -2.93
CA ASP A 174 -12.24 -26.61 -3.59
C ASP A 174 -13.51 -26.88 -2.80
N GLY A 175 -14.16 -25.79 -2.37
CA GLY A 175 -15.42 -25.88 -1.67
C GLY A 175 -15.33 -26.23 -0.20
N ARG A 176 -14.13 -26.28 0.37
CA ARG A 176 -13.93 -26.73 1.74
C ARG A 176 -13.08 -25.74 2.53
N GLY A 177 -13.33 -25.69 3.84
CA GLY A 177 -12.54 -24.81 4.70
C GLY A 177 -11.08 -25.23 4.72
N TRP A 178 -10.20 -24.23 4.83
CA TRP A 178 -8.76 -24.46 4.73
C TRP A 178 -8.25 -25.28 5.90
N ARG A 179 -8.80 -25.09 7.10
CA ARG A 179 -8.34 -25.82 8.28
C ARG A 179 -9.16 -27.09 8.52
N SER A 180 -10.49 -26.99 8.46
CA SER A 180 -11.34 -28.14 8.76
C SER A 180 -11.32 -29.16 7.62
N GLY A 181 -11.31 -28.69 6.38
CA GLY A 181 -11.48 -29.58 5.26
C GLY A 181 -12.91 -29.94 4.96
N ALA A 182 -13.87 -29.38 5.70
CA ALA A 182 -15.28 -29.71 5.52
C ALA A 182 -15.88 -28.84 4.43
N LEU A 183 -16.90 -29.40 3.75
CA LEU A 183 -17.63 -28.63 2.74
C LEU A 183 -18.30 -27.42 3.37
N ILE A 184 -18.03 -26.25 2.81
CA ILE A 184 -18.65 -25.02 3.30
C ILE A 184 -20.09 -24.96 2.81
N GLU A 185 -20.93 -24.24 3.56
CA GLU A 185 -22.34 -24.04 3.25
C GLU A 185 -22.58 -22.56 3.01
N LYS A 186 -23.23 -22.24 1.90
CA LYS A 186 -23.62 -20.88 1.61
C LYS A 186 -24.87 -20.53 2.44
N ARG A 187 -24.76 -19.53 3.31
CA ARG A 187 -25.87 -19.17 4.18
C ARG A 187 -26.15 -17.67 4.09
N GLU A 188 -27.45 -17.34 4.05
CA GLU A 188 -27.91 -15.96 4.05
C GLU A 188 -28.08 -15.48 5.47
N ILE A 189 -27.37 -14.41 5.84
CA ILE A 189 -27.50 -13.83 7.18
C ILE A 189 -27.50 -12.31 7.07
N PRO A 190 -28.17 -11.65 8.01
CA PRO A 190 -28.14 -10.18 8.03
C PRO A 190 -26.77 -9.66 8.41
N MET A 191 -26.31 -8.66 7.66
CA MET A 191 -25.02 -8.04 7.88
C MET A 191 -25.13 -6.55 7.65
N TYR A 192 -24.10 -5.83 8.12
CA TYR A 192 -24.05 -4.38 8.02
C TYR A 192 -23.10 -3.98 6.90
N TYR A 193 -23.45 -2.90 6.20
CA TYR A 193 -22.69 -2.43 5.06
C TYR A 193 -22.50 -0.92 5.11
N PHE A 194 -21.31 -0.48 4.72
CA PHE A 194 -21.09 0.92 4.37
C PHE A 194 -21.49 1.11 2.92
N LYS A 195 -22.30 2.13 2.67
CA LYS A 195 -22.74 2.44 1.32
C LYS A 195 -21.65 3.20 0.56
N ILE A 196 -20.49 2.55 0.45
CA ILE A 196 -19.33 3.17 -0.19
C ILE A 196 -19.61 3.49 -1.65
N THR A 197 -20.55 2.79 -2.28
CA THR A 197 -20.91 3.08 -3.66
C THR A 197 -21.49 4.48 -3.81
N ASP A 198 -22.07 5.05 -2.75
CA ASP A 198 -22.55 6.43 -2.84
C ASP A 198 -21.41 7.43 -3.00
N TYR A 199 -20.17 7.02 -2.71
CA TYR A 199 -19.01 7.89 -2.83
C TYR A 199 -18.11 7.48 -3.98
N ALA A 200 -18.58 6.57 -4.84
CA ALA A 200 -17.72 5.98 -5.86
C ALA A 200 -17.13 7.04 -6.78
N GLU A 201 -17.98 7.93 -7.30
CA GLU A 201 -17.53 8.92 -8.28
C GLU A 201 -16.54 9.89 -7.63
N GLU A 202 -16.78 10.26 -6.38
CA GLU A 202 -15.84 11.12 -5.67
C GLU A 202 -14.54 10.39 -5.39
N LEU A 203 -14.62 9.11 -5.01
CA LEU A 203 -13.42 8.34 -4.76
C LEU A 203 -12.60 8.16 -6.03
N LEU A 204 -13.26 8.09 -7.18
CA LEU A 204 -12.55 7.94 -8.44
C LEU A 204 -11.94 9.27 -8.88
N ASN A 205 -12.75 10.33 -8.88
CA ASN A 205 -12.29 11.59 -9.46
C ASN A 205 -11.23 12.26 -8.60
N ASP A 206 -11.31 12.13 -7.28
CA ASP A 206 -10.34 12.77 -6.41
C ASP A 206 -8.95 12.16 -6.51
N LEU A 207 -8.80 10.97 -7.13
CA LEU A 207 -7.47 10.45 -7.39
C LEU A 207 -6.66 11.38 -8.27
N ASP A 208 -7.32 12.14 -9.14
CA ASP A 208 -6.62 13.08 -10.02
C ASP A 208 -5.90 14.17 -9.23
N LYS A 209 -6.34 14.45 -7.99
CA LYS A 209 -5.66 15.43 -7.16
C LYS A 209 -4.32 14.92 -6.62
N LEU A 210 -4.09 13.61 -6.69
CA LEU A 210 -2.96 12.99 -6.00
C LEU A 210 -1.74 12.95 -6.93
N GLU A 211 -1.21 14.13 -7.21
CA GLU A 211 -0.06 14.25 -8.10
C GLU A 211 1.18 13.57 -7.54
N HIS A 212 1.22 13.32 -6.23
CA HIS A 212 2.37 12.69 -5.60
C HIS A 212 2.10 11.25 -5.16
N TRP A 213 1.16 10.62 -5.78
CA TRP A 213 0.96 9.18 -5.63
C TRP A 213 1.58 8.46 -6.82
N PRO A 214 2.11 7.26 -6.59
CA PRO A 214 2.55 6.43 -7.71
C PRO A 214 1.37 6.15 -8.63
N GLU A 215 1.61 6.29 -9.94
CA GLU A 215 0.50 6.16 -10.88
C GLU A 215 -0.10 4.76 -10.85
N GLN A 216 0.67 3.73 -10.49
CA GLN A 216 0.14 2.38 -10.46
C GLN A 216 -0.83 2.19 -9.31
N VAL A 217 -0.61 2.86 -8.18
CA VAL A 217 -1.57 2.78 -7.10
C VAL A 217 -2.87 3.42 -7.51
N LYS A 218 -2.79 4.59 -8.15
CA LYS A 218 -4.00 5.25 -8.63
C LYS A 218 -4.72 4.39 -9.65
N THR A 219 -3.98 3.81 -10.60
CA THR A 219 -4.60 2.93 -11.59
C THR A 219 -5.29 1.74 -10.92
N MET A 220 -4.67 1.18 -9.86
CA MET A 220 -5.29 0.05 -9.17
C MET A 220 -6.60 0.45 -8.53
N GLN A 221 -6.67 1.66 -7.95
CA GLN A 221 -7.92 2.12 -7.37
C GLN A 221 -8.96 2.40 -8.45
N ARG A 222 -8.54 2.98 -9.58
CA ARG A 222 -9.49 3.20 -10.67
C ARG A 222 -10.11 1.89 -11.12
N ASN A 223 -9.28 0.87 -11.39
CA ASN A 223 -9.82 -0.41 -11.84
C ASN A 223 -10.69 -1.08 -10.77
N TRP A 224 -10.33 -0.91 -9.50
CA TRP A 224 -11.13 -1.52 -8.44
C TRP A 224 -12.51 -0.86 -8.36
N ILE A 225 -12.54 0.47 -8.35
CA ILE A 225 -13.82 1.20 -8.44
C ILE A 225 -14.55 0.79 -9.71
N GLY A 226 -13.85 0.78 -10.84
CA GLY A 226 -14.34 0.21 -12.07
C GLY A 226 -15.54 0.90 -12.68
N LYS A 227 -15.47 2.22 -12.79
CA LYS A 227 -16.53 2.97 -13.46
C LYS A 227 -16.55 2.65 -14.94
N SER A 228 -17.74 2.53 -15.51
CA SER A 228 -17.85 2.38 -16.95
C SER A 228 -19.09 3.11 -17.44
N ARG A 229 -18.99 3.70 -18.62
CA ARG A 229 -20.09 4.36 -19.29
C ARG A 229 -20.52 3.49 -20.46
N GLY A 230 -21.71 2.91 -20.35
CA GLY A 230 -22.14 1.97 -21.35
C GLY A 230 -23.62 2.10 -21.65
N MET A 231 -24.24 0.98 -21.99
CA MET A 231 -25.57 0.99 -22.55
C MET A 231 -26.38 -0.15 -21.98
N THR A 232 -27.57 0.17 -21.51
CA THR A 232 -28.58 -0.85 -21.26
C THR A 232 -29.24 -1.21 -22.57
N VAL A 233 -29.36 -2.50 -22.87
CA VAL A 233 -29.98 -2.99 -24.10
C VAL A 233 -30.95 -4.10 -23.74
N ARG A 234 -32.18 -3.99 -24.25
CA ARG A 234 -33.20 -5.00 -24.03
C ARG A 234 -33.38 -5.79 -25.32
N PHE A 235 -33.20 -7.12 -25.23
CA PHE A 235 -33.43 -8.04 -26.33
C PHE A 235 -34.75 -8.74 -26.10
N ALA A 236 -35.70 -8.56 -27.02
CA ALA A 236 -37.00 -9.19 -26.88
C ALA A 236 -36.86 -10.70 -26.87
N VAL A 237 -37.55 -11.35 -25.93
CA VAL A 237 -37.60 -12.81 -25.88
C VAL A 237 -38.42 -13.33 -27.05
N SER A 238 -37.90 -14.31 -27.76
CA SER A 238 -38.63 -14.86 -28.91
C SER A 238 -39.95 -15.50 -28.45
N ASP A 239 -40.92 -15.50 -29.35
CA ASP A 239 -42.22 -16.08 -29.04
C ASP A 239 -42.10 -17.53 -28.61
N ASP A 240 -41.09 -18.25 -29.10
CA ASP A 240 -40.94 -19.66 -28.77
C ASP A 240 -40.20 -19.92 -27.46
N SER A 241 -39.75 -18.88 -26.76
CA SER A 241 -38.87 -19.05 -25.62
C SER A 241 -39.44 -18.48 -24.33
N LYS A 242 -40.76 -18.36 -24.21
CA LYS A 242 -41.37 -17.64 -23.10
C LYS A 242 -41.93 -18.54 -22.00
N GLN A 243 -41.90 -19.86 -22.18
CA GLN A 243 -42.43 -20.76 -21.16
C GLN A 243 -41.64 -20.63 -19.86
N GLY A 244 -42.35 -20.42 -18.76
CA GLY A 244 -41.76 -20.37 -17.45
C GLY A 244 -41.39 -19.00 -16.93
N LEU A 245 -41.56 -17.95 -17.72
CA LEU A 245 -41.09 -16.62 -17.36
C LEU A 245 -42.27 -15.72 -17.00
N GLU A 246 -42.03 -14.83 -16.04
CA GLU A 246 -43.05 -13.91 -15.55
C GLU A 246 -42.55 -12.48 -15.62
N GLY A 247 -43.48 -11.54 -15.76
CA GLY A 247 -43.17 -10.13 -15.70
C GLY A 247 -42.39 -9.63 -16.89
N ASP A 248 -41.39 -8.78 -16.64
CA ASP A 248 -40.56 -8.28 -17.73
C ASP A 248 -39.64 -9.36 -18.28
N TYR A 249 -39.33 -10.38 -17.49
CA TYR A 249 -38.48 -11.46 -17.97
C TYR A 249 -39.14 -12.30 -19.05
N ALA A 250 -40.47 -12.27 -19.13
CA ALA A 250 -41.15 -12.90 -20.25
C ALA A 250 -41.14 -12.03 -21.49
N LYS A 251 -40.91 -10.73 -21.33
CA LYS A 251 -40.97 -9.79 -22.45
C LYS A 251 -39.59 -9.56 -23.07
N PHE A 252 -38.54 -9.41 -22.26
CA PHE A 252 -37.23 -9.10 -22.80
C PHE A 252 -36.14 -9.57 -21.84
N LEU A 253 -34.95 -9.75 -22.41
CA LEU A 253 -33.73 -9.92 -21.63
C LEU A 253 -32.92 -8.63 -21.70
N GLN A 254 -32.65 -8.04 -20.54
CA GLN A 254 -31.93 -6.78 -20.45
C GLN A 254 -30.48 -7.04 -20.09
N VAL A 255 -29.56 -6.39 -20.80
CA VAL A 255 -28.14 -6.54 -20.53
C VAL A 255 -27.50 -5.16 -20.43
N TYR A 256 -26.28 -5.14 -19.89
CA TYR A 256 -25.43 -3.98 -19.88
C TYR A 256 -24.18 -4.31 -20.68
N THR A 257 -23.80 -3.41 -21.60
CA THR A 257 -22.56 -3.55 -22.34
C THR A 257 -21.82 -2.22 -22.35
N THR A 258 -20.48 -2.29 -22.33
CA THR A 258 -19.66 -1.12 -22.56
C THR A 258 -19.32 -0.92 -24.03
N ARG A 259 -19.79 -1.81 -24.91
CA ARG A 259 -19.46 -1.75 -26.34
C ARG A 259 -20.75 -1.76 -27.18
N PRO A 260 -21.63 -0.77 -26.99
CA PRO A 260 -22.82 -0.69 -27.87
C PRO A 260 -22.47 -0.39 -29.31
N ASP A 261 -21.23 0.03 -29.60
CA ASP A 261 -20.80 0.20 -30.97
C ASP A 261 -20.64 -1.13 -31.70
N THR A 262 -20.63 -2.25 -30.98
CA THR A 262 -20.49 -3.57 -31.58
C THR A 262 -21.76 -4.39 -31.46
N LEU A 263 -22.89 -3.77 -31.10
CA LEU A 263 -24.14 -4.50 -30.92
C LEU A 263 -24.54 -5.25 -32.18
N MET A 264 -24.08 -4.77 -33.35
CA MET A 264 -24.36 -5.46 -34.60
C MET A 264 -23.65 -6.79 -34.71
N GLY A 265 -22.58 -7.00 -33.94
CA GLY A 265 -21.80 -8.22 -33.96
C GLY A 265 -22.04 -9.17 -32.80
N ALA A 266 -23.08 -8.96 -31.99
CA ALA A 266 -23.45 -9.94 -30.97
C ALA A 266 -23.87 -11.25 -31.63
N THR A 267 -23.28 -12.36 -31.18
CA THR A 267 -23.57 -13.66 -31.75
C THR A 267 -24.27 -14.60 -30.78
N TYR A 268 -24.32 -14.26 -29.49
CA TYR A 268 -25.15 -14.94 -28.50
C TYR A 268 -25.22 -14.04 -27.28
N VAL A 269 -25.97 -14.47 -26.27
CA VAL A 269 -26.05 -13.77 -24.99
C VAL A 269 -25.84 -14.78 -23.88
N ALA A 270 -25.45 -14.27 -22.71
CA ALA A 270 -25.16 -15.13 -21.57
C ALA A 270 -25.77 -14.53 -20.31
N VAL A 271 -26.29 -15.40 -19.43
CA VAL A 271 -26.97 -14.98 -18.21
C VAL A 271 -26.36 -15.67 -17.00
N ALA A 272 -26.55 -15.05 -15.85
CA ALA A 272 -26.09 -15.64 -14.60
C ALA A 272 -26.92 -16.88 -14.26
N ALA A 273 -26.36 -17.73 -13.39
CA ALA A 273 -27.04 -18.97 -13.04
C ALA A 273 -28.37 -18.69 -12.36
N GLU A 274 -28.44 -17.62 -11.55
CA GLU A 274 -29.66 -17.24 -10.84
C GLU A 274 -30.66 -16.49 -11.70
N HIS A 275 -30.32 -16.21 -12.96
CA HIS A 275 -31.20 -15.43 -13.82
C HIS A 275 -32.50 -16.20 -14.07
N PRO A 276 -33.63 -15.50 -14.16
CA PRO A 276 -34.91 -16.21 -14.40
C PRO A 276 -34.93 -17.01 -15.69
N LEU A 277 -34.28 -16.53 -16.75
CA LEU A 277 -34.19 -17.30 -17.99
C LEU A 277 -33.44 -18.61 -17.76
N ALA A 278 -32.36 -18.57 -16.98
CA ALA A 278 -31.66 -19.80 -16.63
C ALA A 278 -32.58 -20.76 -15.87
N THR A 279 -33.32 -20.23 -14.89
CA THR A 279 -34.22 -21.08 -14.09
C THR A 279 -35.31 -21.70 -14.96
N ALA A 280 -35.88 -20.92 -15.88
CA ALA A 280 -36.97 -21.44 -16.73
C ALA A 280 -36.46 -22.50 -17.69
N ALA A 281 -35.32 -22.25 -18.32
CA ALA A 281 -34.75 -23.25 -19.24
C ALA A 281 -34.34 -24.52 -18.50
N ALA A 282 -33.71 -24.36 -17.33
CA ALA A 282 -33.24 -25.52 -16.58
C ALA A 282 -34.36 -26.38 -16.02
N ALA A 283 -35.62 -25.89 -16.07
CA ALA A 283 -36.70 -26.54 -15.35
C ALA A 283 -36.89 -28.00 -15.75
N ASP A 284 -36.49 -28.37 -16.97
CA ASP A 284 -36.63 -29.75 -17.42
C ASP A 284 -35.34 -30.33 -17.99
N LYS A 285 -34.19 -29.70 -17.74
CA LYS A 285 -32.91 -30.14 -18.30
C LYS A 285 -31.88 -30.32 -17.20
N PRO A 286 -31.66 -31.55 -16.75
CA PRO A 286 -30.76 -31.79 -15.60
C PRO A 286 -29.34 -31.26 -15.79
N GLU A 287 -28.83 -31.20 -17.02
CA GLU A 287 -27.50 -30.65 -17.22
C GLU A 287 -27.45 -29.17 -16.83
N LEU A 288 -28.50 -28.41 -17.14
CA LEU A 288 -28.53 -27.01 -16.74
C LEU A 288 -28.66 -26.87 -15.23
N GLN A 289 -29.50 -27.70 -14.60
CA GLN A 289 -29.64 -27.65 -13.15
C GLN A 289 -28.31 -27.93 -12.47
N ALA A 290 -27.54 -28.87 -13.02
CA ALA A 290 -26.23 -29.17 -12.45
C ALA A 290 -25.27 -28.00 -12.67
N PHE A 291 -25.32 -27.38 -13.85
CA PHE A 291 -24.47 -26.23 -14.10
C PHE A 291 -24.85 -25.07 -13.19
N ILE A 292 -26.15 -24.84 -13.00
CA ILE A 292 -26.60 -23.80 -12.09
C ILE A 292 -26.12 -24.10 -10.67
N ALA A 293 -26.17 -25.38 -10.28
CA ALA A 293 -25.77 -25.75 -8.93
C ALA A 293 -24.27 -25.52 -8.71
N GLU A 294 -23.44 -25.89 -9.69
CA GLU A 294 -22.00 -25.70 -9.55
C GLU A 294 -21.63 -24.21 -9.49
N CYS A 295 -22.34 -23.37 -10.26
CA CYS A 295 -22.08 -21.94 -10.22
C CYS A 295 -22.36 -21.37 -8.84
N LYS A 296 -23.51 -21.71 -8.26
CA LYS A 296 -23.86 -21.21 -6.93
C LYS A 296 -22.86 -21.69 -5.87
N ALA A 297 -22.37 -22.92 -6.00
CA ALA A 297 -21.43 -23.45 -5.01
C ALA A 297 -20.03 -22.87 -5.15
N GLY A 298 -19.75 -22.09 -6.19
CA GLY A 298 -18.42 -21.54 -6.35
C GLY A 298 -18.08 -20.51 -5.29
N SER A 299 -16.79 -20.40 -5.00
CA SER A 299 -16.27 -19.40 -4.06
C SER A 299 -14.98 -18.78 -4.63
N VAL A 300 -15.08 -18.17 -5.81
CA VAL A 300 -13.92 -17.64 -6.51
C VAL A 300 -13.55 -16.27 -5.92
N ALA A 301 -12.29 -16.13 -5.52
CA ALA A 301 -11.81 -14.84 -5.04
C ALA A 301 -11.71 -13.83 -6.19
N GLU A 302 -11.89 -12.55 -5.85
CA GLU A 302 -11.89 -11.51 -6.87
C GLU A 302 -10.53 -11.38 -7.55
N ALA A 303 -9.44 -11.51 -6.78
CA ALA A 303 -8.10 -11.50 -7.36
C ALA A 303 -7.85 -12.71 -8.26
N ASP A 304 -8.76 -13.69 -8.27
CA ASP A 304 -8.65 -14.85 -9.13
C ASP A 304 -9.81 -14.97 -10.12
N MET A 305 -10.76 -14.03 -10.09
CA MET A 305 -11.98 -14.15 -10.90
C MET A 305 -11.65 -14.21 -12.39
N ALA A 306 -10.68 -13.43 -12.84
CA ALA A 306 -10.32 -13.42 -14.27
C ALA A 306 -9.53 -14.66 -14.68
N THR A 307 -8.95 -15.38 -13.73
CA THR A 307 -8.12 -16.54 -14.04
C THR A 307 -8.88 -17.86 -14.00
N MET A 308 -10.20 -17.83 -13.81
CA MET A 308 -10.95 -19.07 -13.76
C MET A 308 -11.42 -19.47 -15.15
N GLU A 309 -11.58 -20.77 -15.35
CA GLU A 309 -12.01 -21.31 -16.63
C GLU A 309 -13.46 -20.89 -16.90
N LYS A 310 -13.68 -20.23 -18.03
CA LYS A 310 -15.03 -19.78 -18.38
C LYS A 310 -15.78 -20.91 -19.08
N LYS A 311 -16.97 -21.21 -18.57
CA LYS A 311 -17.76 -22.31 -19.07
C LYS A 311 -19.21 -21.85 -19.24
N GLY A 312 -19.91 -22.51 -20.16
CA GLY A 312 -21.30 -22.18 -20.40
C GLY A 312 -22.09 -23.39 -20.87
N VAL A 313 -23.41 -23.24 -20.85
CA VAL A 313 -24.32 -24.24 -21.41
C VAL A 313 -25.39 -23.53 -22.23
N PRO A 314 -25.71 -24.00 -23.42
CA PRO A 314 -26.83 -23.41 -24.17
C PRO A 314 -28.14 -23.74 -23.47
N THR A 315 -29.12 -22.85 -23.60
CA THR A 315 -30.41 -23.05 -22.96
C THR A 315 -31.52 -23.48 -23.91
N GLY A 316 -31.34 -23.31 -25.22
CA GLY A 316 -32.45 -23.51 -26.12
C GLY A 316 -33.46 -22.39 -26.14
N ARG A 317 -33.18 -21.28 -25.46
CA ARG A 317 -34.03 -20.10 -25.48
C ARG A 317 -33.38 -19.03 -26.33
N TYR A 318 -34.19 -18.16 -26.93
CA TYR A 318 -33.70 -17.20 -27.89
C TYR A 318 -34.25 -15.80 -27.59
N VAL A 319 -33.41 -14.81 -27.89
CA VAL A 319 -33.79 -13.40 -27.82
C VAL A 319 -33.44 -12.77 -29.16
N VAL A 320 -33.98 -11.57 -29.39
CA VAL A 320 -33.85 -10.87 -30.67
C VAL A 320 -33.05 -9.59 -30.47
N ASN A 321 -32.00 -9.44 -31.26
CA ASN A 321 -31.23 -8.22 -31.27
C ASN A 321 -32.11 -7.07 -31.75
N PRO A 322 -32.29 -6.01 -30.95
CA PRO A 322 -33.22 -4.95 -31.34
C PRO A 322 -32.76 -4.10 -32.52
N LEU A 323 -31.50 -4.22 -32.95
CA LEU A 323 -31.00 -3.40 -34.05
C LEU A 323 -30.88 -4.12 -35.38
N ASN A 324 -30.75 -5.45 -35.41
CA ASN A 324 -30.68 -6.16 -36.68
C ASN A 324 -31.67 -7.30 -36.79
N GLY A 325 -32.42 -7.62 -35.74
CA GLY A 325 -33.36 -8.72 -35.80
C GLY A 325 -32.77 -10.11 -35.73
N ASP A 326 -31.46 -10.23 -35.51
CA ASP A 326 -30.87 -11.57 -35.37
C ASP A 326 -31.44 -12.26 -34.16
N LYS A 327 -31.79 -13.54 -34.33
CA LYS A 327 -32.20 -14.36 -33.19
C LYS A 327 -30.96 -14.98 -32.58
N LEU A 328 -30.72 -14.69 -31.30
CA LEU A 328 -29.52 -15.13 -30.61
C LEU A 328 -29.88 -16.08 -29.48
N GLU A 329 -29.07 -17.12 -29.30
CA GLU A 329 -29.34 -18.08 -28.23
C GLU A 329 -28.84 -17.55 -26.88
N VAL A 330 -29.57 -17.94 -25.84
CA VAL A 330 -29.21 -17.62 -24.46
C VAL A 330 -28.37 -18.76 -23.91
N TRP A 331 -27.17 -18.43 -23.44
CA TRP A 331 -26.31 -19.35 -22.73
C TRP A 331 -26.31 -19.01 -21.25
N ILE A 332 -26.14 -20.02 -20.40
CA ILE A 332 -25.77 -19.78 -19.00
C ILE A 332 -24.27 -19.87 -18.90
N ALA A 333 -23.65 -18.91 -18.22
CA ALA A 333 -22.19 -18.84 -18.13
C ALA A 333 -21.75 -18.56 -16.70
N ASN A 334 -20.62 -19.16 -16.31
CA ASN A 334 -20.12 -19.02 -14.95
C ASN A 334 -19.45 -17.68 -14.69
N TYR A 335 -19.19 -16.86 -15.71
CA TYR A 335 -18.54 -15.58 -15.51
C TYR A 335 -19.53 -14.42 -15.38
N VAL A 336 -20.82 -14.66 -15.55
CA VAL A 336 -21.83 -13.63 -15.37
C VAL A 336 -22.34 -13.69 -13.93
N LEU A 337 -22.16 -12.60 -13.19
CA LEU A 337 -22.44 -12.58 -11.77
C LEU A 337 -23.79 -11.91 -11.52
N TRP A 338 -24.71 -12.65 -10.90
CA TRP A 338 -25.97 -12.07 -10.45
C TRP A 338 -25.68 -11.01 -9.40
N GLY A 339 -26.27 -9.83 -9.56
CA GLY A 339 -25.98 -8.71 -8.71
C GLY A 339 -25.05 -7.66 -9.33
N TYR A 340 -24.32 -8.02 -10.38
CA TYR A 340 -23.59 -7.06 -11.18
C TYR A 340 -24.45 -6.71 -12.38
N GLY A 341 -24.92 -5.46 -12.42
CA GLY A 341 -25.75 -5.04 -13.53
C GLY A 341 -27.09 -5.77 -13.53
N ASP A 342 -27.44 -6.33 -14.68
CA ASP A 342 -28.64 -7.13 -14.84
C ASP A 342 -28.38 -8.62 -14.70
N GLY A 343 -27.14 -9.02 -14.39
CA GLY A 343 -26.82 -10.44 -14.36
C GLY A 343 -26.97 -11.09 -15.71
N ALA A 344 -26.67 -10.36 -16.79
CA ALA A 344 -26.85 -10.84 -18.15
C ALA A 344 -26.02 -9.94 -19.04
N VAL A 345 -25.27 -10.53 -19.98
CA VAL A 345 -24.42 -9.76 -20.88
C VAL A 345 -24.68 -10.23 -22.30
N MET A 346 -24.21 -9.44 -23.26
CA MET A 346 -24.11 -9.88 -24.64
C MET A 346 -22.66 -10.22 -24.95
N ALA A 347 -22.47 -11.01 -26.01
CA ALA A 347 -21.13 -11.44 -26.39
C ALA A 347 -20.82 -11.04 -27.83
N VAL A 348 -19.68 -10.40 -28.02
CA VAL A 348 -19.17 -10.02 -29.34
C VAL A 348 -17.79 -10.65 -29.49
N PRO A 349 -17.70 -11.90 -29.92
CA PRO A 349 -16.40 -12.58 -29.92
C PRO A 349 -15.34 -11.92 -30.80
N ALA A 350 -15.74 -11.16 -31.82
CA ALA A 350 -14.76 -10.50 -32.66
C ALA A 350 -14.03 -9.37 -31.96
N HIS A 351 -14.56 -8.83 -30.86
CA HIS A 351 -13.98 -7.60 -30.33
C HIS A 351 -13.88 -7.59 -28.81
N ASP A 352 -14.07 -8.73 -28.16
CA ASP A 352 -13.82 -8.87 -26.74
C ASP A 352 -13.09 -10.20 -26.56
N GLU A 353 -11.96 -10.16 -25.86
CA GLU A 353 -11.08 -11.32 -25.82
C GLU A 353 -11.71 -12.48 -25.04
N ARG A 354 -12.35 -12.18 -23.91
CA ARG A 354 -13.04 -13.23 -23.17
CA ARG A 354 -13.05 -13.21 -23.17
C ARG A 354 -14.13 -13.86 -24.02
N ASP A 355 -14.87 -13.05 -24.78
CA ASP A 355 -15.86 -13.59 -25.71
C ASP A 355 -15.21 -14.39 -26.83
N PHE A 356 -14.03 -13.96 -27.27
CA PHE A 356 -13.33 -14.70 -28.32
C PHE A 356 -12.96 -16.11 -27.86
N GLU A 357 -12.41 -16.21 -26.64
CA GLU A 357 -12.02 -17.52 -26.13
C GLU A 357 -13.25 -18.40 -25.85
N PHE A 358 -14.32 -17.79 -25.32
CA PHE A 358 -15.56 -18.53 -25.10
C PHE A 358 -16.10 -19.10 -26.40
N ALA A 359 -16.28 -18.22 -27.41
CA ALA A 359 -16.78 -18.66 -28.70
C ALA A 359 -15.88 -19.71 -29.34
N ALA A 360 -14.56 -19.51 -29.29
CA ALA A 360 -13.63 -20.49 -29.83
C ALA A 360 -13.76 -21.84 -29.12
N LYS A 361 -13.99 -21.81 -27.81
CA LYS A 361 -14.20 -23.04 -27.07
C LYS A 361 -15.44 -23.78 -27.59
N TYR A 362 -16.53 -23.06 -27.78
CA TYR A 362 -17.80 -23.67 -28.14
C TYR A 362 -18.15 -23.54 -29.62
N ASN A 363 -17.19 -23.12 -30.46
CA ASN A 363 -17.41 -22.94 -31.89
C ASN A 363 -18.63 -22.05 -32.16
N LEU A 364 -18.72 -20.96 -31.43
CA LEU A 364 -19.79 -20.00 -31.63
C LEU A 364 -19.37 -18.98 -32.68
N PRO A 365 -20.34 -18.33 -33.35
CA PRO A 365 -19.98 -17.41 -34.44
C PRO A 365 -19.15 -16.23 -33.96
N LYS A 366 -18.35 -15.68 -34.87
CA LYS A 366 -17.58 -14.46 -34.61
C LYS A 366 -17.81 -13.50 -35.77
N LYS A 367 -18.45 -12.37 -35.48
CA LYS A 367 -18.84 -11.39 -36.50
C LYS A 367 -18.04 -10.11 -36.31
N GLN A 368 -17.07 -9.89 -37.19
CA GLN A 368 -16.34 -8.63 -37.19
C GLN A 368 -17.27 -7.47 -37.51
N VAL A 369 -17.26 -6.45 -36.65
CA VAL A 369 -18.03 -5.24 -36.92
C VAL A 369 -17.14 -4.01 -36.79
N ILE A 370 -15.89 -4.18 -36.37
CA ILE A 370 -14.93 -3.09 -36.28
C ILE A 370 -13.77 -3.39 -37.22
N ALA A 371 -13.26 -2.33 -37.85
CA ALA A 371 -12.06 -2.38 -38.69
C ALA A 371 -11.09 -1.29 -38.24
N VAL A 372 -9.80 -1.64 -38.20
CA VAL A 372 -8.75 -0.69 -37.80
C VAL A 372 -7.74 -0.68 -38.94
N GLY A 373 -7.84 0.30 -39.83
CA GLY A 373 -6.92 0.36 -40.94
C GLY A 373 -7.12 -0.78 -41.93
N ASP A 374 -6.03 -1.15 -42.60
CA ASP A 374 -6.05 -2.27 -43.54
C ASP A 374 -5.68 -3.60 -42.88
N ASN A 375 -5.72 -3.67 -41.55
CA ASN A 375 -5.41 -4.92 -40.86
C ASN A 375 -6.40 -6.01 -41.24
N ALA A 376 -5.88 -7.19 -41.53
CA ALA A 376 -6.72 -8.32 -41.88
C ALA A 376 -7.36 -8.90 -40.62
N PHE A 377 -8.64 -9.28 -40.73
CA PHE A 377 -9.34 -9.91 -39.63
C PHE A 377 -9.27 -11.42 -39.79
N ASP A 378 -8.83 -12.10 -38.72
CA ASP A 378 -8.68 -13.55 -38.71
C ASP A 378 -9.59 -14.11 -37.61
N ALA A 379 -10.66 -14.79 -38.02
CA ALA A 379 -11.62 -15.32 -37.05
C ALA A 379 -11.06 -16.46 -36.20
N ASN A 380 -9.87 -16.98 -36.52
CA ASN A 380 -9.30 -18.10 -35.78
C ASN A 380 -8.14 -17.70 -34.88
N ARG A 381 -7.69 -16.45 -34.91
CA ARG A 381 -6.60 -16.01 -34.06
C ARG A 381 -6.90 -14.60 -33.55
N TRP A 382 -6.83 -14.42 -32.24
CA TRP A 382 -7.07 -13.10 -31.65
C TRP A 382 -5.86 -12.19 -31.89
N GLN A 383 -6.11 -11.04 -32.49
CA GLN A 383 -5.13 -9.97 -32.57
C GLN A 383 -5.56 -8.84 -31.65
N GLU A 384 -4.59 -8.15 -31.07
CA GLU A 384 -4.90 -7.15 -30.04
C GLU A 384 -5.74 -6.01 -30.61
N TRP A 385 -5.61 -5.72 -31.90
CA TRP A 385 -6.38 -4.62 -32.45
C TRP A 385 -7.88 -4.91 -32.52
N TYR A 386 -8.30 -6.16 -32.33
CA TYR A 386 -9.73 -6.49 -32.33
C TYR A 386 -10.48 -5.64 -31.32
N GLY A 387 -9.87 -5.37 -30.17
CA GLY A 387 -10.56 -4.67 -29.09
C GLY A 387 -10.28 -3.18 -29.00
N ASP A 388 -9.74 -2.59 -30.06
CA ASP A 388 -9.36 -1.17 -30.04
C ASP A 388 -10.61 -0.30 -30.11
N LYS A 389 -10.80 0.54 -29.07
CA LYS A 389 -11.95 1.44 -29.05
C LYS A 389 -11.68 2.75 -29.79
N GLU A 390 -10.41 3.16 -29.88
CA GLU A 390 -10.10 4.51 -30.32
C GLU A 390 -10.02 4.62 -31.84
N ASN A 391 -9.22 3.76 -32.47
CA ASN A 391 -8.83 3.93 -33.86
C ASN A 391 -9.61 3.04 -34.81
N GLY A 392 -10.82 2.63 -34.45
CA GLY A 392 -11.63 1.75 -35.27
C GLY A 392 -12.83 2.46 -35.87
N VAL A 393 -13.30 1.94 -37.00
CA VAL A 393 -14.57 2.35 -37.60
C VAL A 393 -15.42 1.10 -37.81
N LEU A 394 -16.73 1.31 -37.87
CA LEU A 394 -17.67 0.20 -37.93
C LEU A 394 -17.79 -0.36 -39.33
N VAL A 395 -17.93 -1.69 -39.41
CA VAL A 395 -18.16 -2.40 -40.65
C VAL A 395 -19.21 -3.47 -40.39
N ASN A 396 -19.85 -3.93 -41.46
CA ASN A 396 -20.89 -4.97 -41.36
C ASN A 396 -22.00 -4.56 -40.39
N SER A 397 -22.28 -3.27 -40.31
CA SER A 397 -23.23 -2.75 -39.33
C SER A 397 -24.34 -1.94 -39.99
N GLY A 398 -24.56 -2.13 -41.29
CA GLY A 398 -25.65 -1.48 -41.99
C GLY A 398 -25.44 0.00 -42.16
N ASP A 399 -26.34 0.80 -41.62
CA ASP A 399 -26.23 2.25 -41.74
C ASP A 399 -25.28 2.86 -40.70
N LEU A 400 -24.74 2.04 -39.79
CA LEU A 400 -23.76 2.47 -38.82
C LEU A 400 -22.34 2.42 -39.34
N ASP A 401 -22.13 1.88 -40.55
CA ASP A 401 -20.77 1.68 -41.05
C ASP A 401 -20.02 3.01 -41.16
N GLY A 402 -18.71 2.95 -40.91
CA GLY A 402 -17.84 4.09 -41.05
C GLY A 402 -17.75 5.01 -39.85
N LEU A 403 -18.55 4.77 -38.81
CA LEU A 403 -18.54 5.62 -37.63
C LEU A 403 -17.44 5.18 -36.66
N ASP A 404 -16.91 6.13 -35.90
CA ASP A 404 -15.97 5.79 -34.85
C ASP A 404 -16.75 5.44 -33.58
N PHE A 405 -16.03 5.12 -32.50
CA PHE A 405 -16.67 4.62 -31.29
C PHE A 405 -17.70 5.60 -30.74
N GLN A 406 -17.32 6.88 -30.60
CA GLN A 406 -18.21 7.81 -29.92
C GLN A 406 -19.47 8.10 -30.73
N THR A 407 -19.32 8.30 -32.04
CA THR A 407 -20.49 8.57 -32.87
C THR A 407 -21.38 7.34 -32.99
N ALA A 408 -20.78 6.16 -33.04
CA ALA A 408 -21.56 4.93 -33.04
C ALA A 408 -22.31 4.76 -31.72
N PHE A 409 -21.67 5.10 -30.61
CA PHE A 409 -22.31 5.01 -29.30
C PHE A 409 -23.59 5.84 -29.27
N ASP A 410 -23.51 7.08 -29.74
CA ASP A 410 -24.66 7.97 -29.70
C ASP A 410 -25.74 7.54 -30.70
N ALA A 411 -25.33 7.05 -31.87
CA ALA A 411 -26.31 6.58 -32.85
C ALA A 411 -27.08 5.37 -32.33
N VAL A 412 -26.37 4.40 -31.73
CA VAL A 412 -27.05 3.26 -31.12
C VAL A 412 -27.94 3.71 -29.97
N ALA A 413 -27.44 4.63 -29.13
CA ALA A 413 -28.27 5.18 -28.07
C ALA A 413 -29.53 5.80 -28.62
N ALA A 414 -29.42 6.55 -29.71
CA ALA A 414 -30.60 7.16 -30.31
C ALA A 414 -31.56 6.11 -30.84
N LYS A 415 -31.01 5.12 -31.58
CA LYS A 415 -31.86 4.06 -32.12
C LYS A 415 -32.54 3.28 -31.01
N LEU A 416 -31.80 2.91 -29.96
CA LEU A 416 -32.40 2.13 -28.87
C LEU A 416 -33.44 2.96 -28.13
N GLN A 417 -33.11 4.20 -27.78
CA GLN A 417 -34.05 5.04 -27.04
C GLN A 417 -35.30 5.32 -27.87
N SER A 418 -35.14 5.54 -29.17
CA SER A 418 -36.30 5.84 -30.01
C SER A 418 -37.33 4.72 -29.97
N GLN A 419 -36.88 3.47 -30.05
CA GLN A 419 -37.82 2.35 -30.03
C GLN A 419 -38.01 1.77 -28.64
N GLY A 420 -37.45 2.40 -27.61
CA GLY A 420 -37.60 1.93 -26.24
C GLY A 420 -36.75 0.74 -25.85
N ALA A 421 -35.75 0.37 -26.64
CA ALA A 421 -35.00 -0.86 -26.39
C ALA A 421 -33.74 -0.65 -25.55
N GLY A 422 -33.41 0.57 -25.16
CA GLY A 422 -32.23 0.78 -24.34
C GLY A 422 -31.99 2.24 -24.08
N GLU A 423 -30.92 2.50 -23.30
CA GLU A 423 -30.52 3.85 -22.94
C GLU A 423 -29.12 3.83 -22.34
N PRO A 424 -28.38 4.94 -22.43
CA PRO A 424 -27.08 5.00 -21.75
C PRO A 424 -27.21 4.74 -20.26
N LYS A 425 -26.17 4.13 -19.71
CA LYS A 425 -26.13 3.86 -18.28
C LYS A 425 -24.69 3.88 -17.83
N THR A 426 -24.50 4.28 -16.58
CA THR A 426 -23.20 4.27 -15.92
C THR A 426 -23.19 3.19 -14.84
N GLN A 427 -22.11 2.39 -14.81
CA GLN A 427 -21.97 1.32 -13.83
C GLN A 427 -20.65 1.44 -13.11
N TYR A 428 -20.57 0.76 -11.95
CA TYR A 428 -19.34 0.63 -11.18
C TYR A 428 -19.20 -0.81 -10.75
N ARG A 429 -17.97 -1.34 -10.84
CA ARG A 429 -17.73 -2.67 -10.30
C ARG A 429 -17.74 -2.67 -8.77
N LEU A 430 -17.49 -1.51 -8.16
CA LEU A 430 -17.43 -1.37 -6.72
C LEU A 430 -18.69 -1.90 -6.04
N ARG A 431 -18.50 -2.79 -5.07
CA ARG A 431 -19.54 -3.31 -4.20
C ARG A 431 -19.58 -2.50 -2.91
N ASP A 432 -20.68 -2.59 -2.19
CA ASP A 432 -20.71 -1.96 -0.88
C ASP A 432 -19.77 -2.70 0.08
N TRP A 433 -19.40 -2.00 1.14
CA TRP A 433 -18.39 -2.50 2.08
C TRP A 433 -19.09 -3.23 3.23
N GLY A 434 -18.91 -4.54 3.30
CA GLY A 434 -19.46 -5.34 4.37
C GLY A 434 -18.54 -5.38 5.57
N ILE A 435 -19.03 -4.98 6.74
CA ILE A 435 -18.17 -4.77 7.89
C ILE A 435 -18.48 -5.73 9.03
N SER A 436 -19.50 -6.56 8.92
CA SER A 436 -19.83 -7.51 9.97
C SER A 436 -18.83 -8.66 9.97
N ARG A 437 -18.24 -8.93 11.13
CA ARG A 437 -17.39 -10.09 11.33
C ARG A 437 -17.98 -10.94 12.44
N GLN A 438 -17.98 -12.26 12.23
CA GLN A 438 -18.43 -13.19 13.25
C GLN A 438 -17.23 -13.64 14.09
N ARG A 439 -16.61 -12.66 14.74
CA ARG A 439 -15.39 -12.85 15.53
C ARG A 439 -15.50 -12.08 16.83
N TYR A 440 -14.74 -12.53 17.84
CA TYR A 440 -14.81 -11.90 19.16
C TYR A 440 -13.89 -10.68 19.28
N TRP A 441 -12.63 -10.81 18.87
CA TRP A 441 -11.61 -9.80 19.16
C TRP A 441 -11.69 -8.68 18.12
N GLY A 442 -12.74 -7.86 18.28
CA GLY A 442 -13.01 -6.77 17.35
C GLY A 442 -13.87 -5.73 18.04
N CYS A 443 -14.11 -4.64 17.30
CA CYS A 443 -14.91 -3.55 17.85
C CYS A 443 -16.38 -3.95 17.83
N PRO A 444 -17.06 -3.95 18.98
CA PRO A 444 -18.50 -4.28 18.98
C PRO A 444 -19.29 -3.31 18.11
N ILE A 445 -20.28 -3.85 17.41
CA ILE A 445 -21.16 -3.02 16.58
C ILE A 445 -22.24 -2.42 17.49
N PRO A 446 -22.42 -1.10 17.48
CA PRO A 446 -23.26 -0.44 18.50
C PRO A 446 -24.73 -0.43 18.15
N ILE A 447 -25.30 -1.62 17.95
CA ILE A 447 -26.70 -1.81 17.61
C ILE A 447 -27.33 -2.69 18.68
N VAL A 448 -28.52 -2.31 19.14
CA VAL A 448 -29.34 -3.13 20.02
C VAL A 448 -30.58 -3.58 19.25
N HIS A 449 -30.91 -4.87 19.34
CA HIS A 449 -32.07 -5.42 18.65
C HIS A 449 -33.24 -5.51 19.63
N CYS A 450 -34.35 -4.87 19.25
CA CYS A 450 -35.57 -4.88 20.05
C CYS A 450 -36.72 -5.27 19.13
N GLU A 451 -37.57 -6.19 19.60
CA GLU A 451 -38.66 -6.64 18.75
C GLU A 451 -39.74 -5.57 18.55
N LYS A 452 -39.75 -4.54 19.40
CA LYS A 452 -40.67 -3.43 19.17
C LYS A 452 -40.02 -2.32 18.35
N CYS A 453 -38.78 -1.96 18.66
CA CYS A 453 -38.17 -0.78 18.06
C CYS A 453 -37.30 -1.08 16.84
N GLY A 454 -36.91 -2.34 16.63
CA GLY A 454 -36.04 -2.70 15.53
C GLY A 454 -34.57 -2.74 15.90
N ASN A 455 -33.70 -2.50 14.93
CA ASN A 455 -32.26 -2.35 15.17
C ASN A 455 -32.02 -0.91 15.60
N VAL A 456 -31.61 -0.71 16.84
CA VAL A 456 -31.52 0.60 17.45
C VAL A 456 -30.04 0.96 17.62
N PRO A 457 -29.60 2.12 17.13
CA PRO A 457 -28.25 2.57 17.46
C PRO A 457 -28.15 2.88 18.95
N VAL A 458 -27.01 2.55 19.53
CA VAL A 458 -26.76 2.92 20.94
C VAL A 458 -26.62 4.44 21.02
N PRO A 459 -27.31 5.10 21.97
CA PRO A 459 -27.16 6.55 22.11
C PRO A 459 -25.71 6.94 22.36
N ALA A 460 -25.37 8.18 21.98
CA ALA A 460 -24.00 8.66 22.15
C ALA A 460 -23.57 8.64 23.60
N ASP A 461 -24.51 8.91 24.54
CA ASP A 461 -24.19 8.86 25.96
C ASP A 461 -23.64 7.50 26.37
N GLN A 462 -24.20 6.43 25.82
CA GLN A 462 -23.89 5.07 26.23
C GLN A 462 -22.67 4.50 25.53
N LEU A 463 -22.05 5.25 24.63
CA LEU A 463 -20.86 4.73 23.99
C LEU A 463 -19.63 4.96 24.87
N PRO A 464 -18.66 4.03 24.87
CA PRO A 464 -18.67 2.82 24.05
C PRO A 464 -19.57 1.68 24.54
N VAL A 465 -19.89 0.79 23.61
CA VAL A 465 -20.24 -0.59 23.93
C VAL A 465 -18.92 -1.31 24.16
N VAL A 466 -18.63 -1.66 25.41
CA VAL A 466 -17.30 -2.16 25.77
C VAL A 466 -17.22 -3.65 25.46
N LEU A 467 -16.22 -4.03 24.67
CA LEU A 467 -15.89 -5.43 24.49
C LEU A 467 -15.33 -5.97 25.80
N PRO A 468 -15.95 -6.97 26.41
CA PRO A 468 -15.34 -7.59 27.58
C PRO A 468 -14.03 -8.25 27.21
N GLU A 469 -12.98 -7.92 27.98
CA GLU A 469 -11.64 -8.46 27.73
C GLU A 469 -11.37 -9.75 28.48
N ASN A 470 -12.29 -10.16 29.36
CA ASN A 470 -12.12 -11.37 30.16
C ASN A 470 -12.75 -12.56 29.41
N VAL A 471 -12.13 -12.89 28.29
CA VAL A 471 -12.61 -13.95 27.39
C VAL A 471 -11.42 -14.72 26.85
N VAL A 472 -11.56 -16.04 26.79
CA VAL A 472 -10.62 -16.90 26.06
C VAL A 472 -11.41 -17.70 25.04
N PRO A 473 -11.34 -17.36 23.75
CA PRO A 473 -12.14 -18.10 22.76
C PRO A 473 -11.73 -19.56 22.68
N ASP A 474 -12.71 -20.43 22.46
CA ASP A 474 -12.51 -21.87 22.44
C ASP A 474 -12.61 -22.48 21.05
N GLY A 475 -12.98 -21.71 20.03
CA GLY A 475 -13.08 -22.25 18.69
C GLY A 475 -14.34 -23.04 18.41
N MET A 476 -15.41 -22.81 19.17
CA MET A 476 -16.70 -23.43 18.88
C MET A 476 -17.77 -22.35 18.70
N GLY A 477 -17.47 -21.36 17.86
CA GLY A 477 -18.37 -20.25 17.62
C GLY A 477 -17.85 -18.96 18.21
N SER A 478 -18.46 -17.86 17.77
CA SER A 478 -18.08 -16.54 18.26
C SER A 478 -18.45 -16.42 19.74
N PRO A 479 -17.50 -16.14 20.63
CA PRO A 479 -17.82 -16.10 22.07
C PRO A 479 -18.94 -15.12 22.42
N LEU A 480 -19.02 -13.99 21.73
CA LEU A 480 -20.01 -12.98 22.10
C LEU A 480 -21.42 -13.52 21.98
N ALA A 481 -21.66 -14.37 20.98
CA ALA A 481 -22.98 -14.98 20.84
C ALA A 481 -23.30 -15.99 21.93
N LYS A 482 -22.31 -16.44 22.70
CA LYS A 482 -22.56 -17.38 23.79
C LYS A 482 -22.48 -16.71 25.16
N MET A 483 -22.55 -15.37 25.21
CA MET A 483 -22.32 -14.61 26.42
C MET A 483 -23.55 -13.75 26.72
N PRO A 484 -24.60 -14.33 27.30
CA PRO A 484 -25.78 -13.53 27.66
C PRO A 484 -25.46 -12.34 28.55
N GLU A 485 -24.41 -12.45 29.36
CA GLU A 485 -24.00 -11.33 30.21
C GLU A 485 -23.59 -10.12 29.37
N PHE A 486 -23.18 -10.34 28.13
CA PHE A 486 -22.87 -9.23 27.25
C PHE A 486 -24.07 -8.83 26.38
N TYR A 487 -24.79 -9.79 25.80
CA TYR A 487 -25.78 -9.42 24.81
C TYR A 487 -27.17 -9.17 25.40
N GLU A 488 -27.48 -9.70 26.57
CA GLU A 488 -28.77 -9.38 27.20
C GLU A 488 -28.74 -7.97 27.76
N THR A 489 -29.63 -7.12 27.28
CA THR A 489 -29.66 -5.71 27.66
C THR A 489 -31.09 -5.22 27.56
N SER A 490 -31.28 -3.91 27.72
CA SER A 490 -32.58 -3.27 27.55
C SER A 490 -32.55 -2.34 26.35
N CYS A 491 -33.68 -2.22 25.67
CA CYS A 491 -33.74 -1.36 24.50
C CYS A 491 -33.60 0.11 24.91
N PRO A 492 -32.67 0.86 24.32
CA PRO A 492 -32.51 2.28 24.70
C PRO A 492 -33.65 3.18 24.25
N CYS A 493 -34.57 2.69 23.41
CA CYS A 493 -35.72 3.49 23.01
C CYS A 493 -36.95 3.21 23.87
N CYS A 494 -37.16 1.95 24.26
CA CYS A 494 -38.36 1.60 25.01
C CYS A 494 -38.07 0.97 26.37
N GLY A 495 -36.82 0.61 26.66
CA GLY A 495 -36.49 0.01 27.95
C GLY A 495 -36.81 -1.47 28.09
N GLY A 496 -37.34 -2.11 27.06
CA GLY A 496 -37.72 -3.50 27.15
C GLY A 496 -36.55 -4.44 26.94
N ALA A 497 -36.85 -5.73 27.08
CA ALA A 497 -35.85 -6.77 26.85
C ALA A 497 -35.33 -6.70 25.42
N ALA A 498 -34.01 -6.72 25.29
CA ALA A 498 -33.38 -6.54 23.99
C ALA A 498 -32.04 -7.26 23.99
N LYS A 499 -31.44 -7.35 22.82
CA LYS A 499 -30.18 -8.07 22.66
C LYS A 499 -29.18 -7.24 21.88
N ARG A 500 -27.97 -7.09 22.43
CA ARG A 500 -26.89 -6.44 21.68
C ARG A 500 -26.53 -7.25 20.46
N GLU A 501 -26.18 -6.54 19.38
CA GLU A 501 -25.48 -7.16 18.26
C GLU A 501 -24.21 -7.84 18.77
N THR A 502 -23.97 -9.07 18.30
CA THR A 502 -22.78 -9.80 18.71
C THR A 502 -21.68 -9.87 17.65
N ASP A 503 -21.98 -9.55 16.40
CA ASP A 503 -20.90 -9.43 15.41
C ASP A 503 -20.03 -8.23 15.77
N THR A 504 -18.77 -8.30 15.33
CA THR A 504 -17.84 -7.18 15.52
C THR A 504 -17.45 -6.61 14.16
N MET A 505 -16.74 -5.49 14.20
CA MET A 505 -16.42 -4.74 12.99
C MET A 505 -15.19 -5.29 12.29
N ASP A 506 -15.24 -5.28 10.96
CA ASP A 506 -14.07 -5.43 10.12
C ASP A 506 -12.96 -4.52 10.63
N THR A 507 -11.79 -5.11 10.91
CA THR A 507 -10.71 -4.35 11.53
C THR A 507 -10.03 -3.38 10.55
N PHE A 508 -10.42 -3.40 9.28
CA PHE A 508 -10.07 -2.29 8.40
C PHE A 508 -10.66 -0.97 8.89
N ILE A 509 -11.72 -1.01 9.71
CA ILE A 509 -12.34 0.23 10.16
C ILE A 509 -11.38 1.01 11.07
N GLU A 510 -10.69 0.32 11.98
CA GLU A 510 -9.77 1.04 12.88
C GLU A 510 -8.65 1.72 12.10
N SER A 511 -8.10 1.05 11.09
CA SER A 511 -7.02 1.63 10.31
C SER A 511 -7.51 2.63 9.26
N SER A 512 -8.82 2.83 9.15
CA SER A 512 -9.37 3.78 8.20
C SER A 512 -9.45 5.20 8.73
N TRP A 513 -9.10 5.44 10.00
CA TRP A 513 -9.13 6.80 10.53
C TRP A 513 -8.08 7.09 11.59
N TYR A 514 -7.18 6.15 11.89
CA TYR A 514 -6.24 6.35 13.00
C TYR A 514 -5.32 7.54 12.75
N PHE A 515 -5.08 7.90 11.48
CA PHE A 515 -4.21 9.03 11.18
C PHE A 515 -4.83 10.35 11.66
N PHE A 516 -6.16 10.42 11.76
CA PHE A 516 -6.79 11.59 12.38
C PHE A 516 -6.71 11.53 13.90
N ARG A 517 -6.85 10.33 14.48
CA ARG A 517 -6.84 10.22 15.94
C ARG A 517 -5.50 10.65 16.52
N TYR A 518 -4.39 10.37 15.81
CA TYR A 518 -3.08 10.81 16.28
C TYR A 518 -3.03 12.31 16.52
N MET A 519 -3.84 13.08 15.78
CA MET A 519 -3.82 14.53 15.93
C MET A 519 -4.28 14.97 17.31
N SER A 520 -5.24 14.26 17.90
CA SER A 520 -5.68 14.54 19.27
C SER A 520 -6.10 13.23 19.92
N PRO A 521 -5.11 12.41 20.32
CA PRO A 521 -5.43 11.04 20.75
C PRO A 521 -6.13 10.94 22.10
N LYS A 522 -6.15 12.01 22.89
CA LYS A 522 -6.79 12.01 24.20
C LYS A 522 -8.05 12.88 24.21
N PHE A 523 -8.49 13.34 23.05
CA PHE A 523 -9.69 14.15 22.96
C PHE A 523 -10.92 13.30 23.27
N SER A 524 -11.72 13.73 24.24
CA SER A 524 -12.83 12.91 24.71
C SER A 524 -14.20 13.39 24.20
N ASP A 525 -14.22 14.41 23.34
CA ASP A 525 -15.48 14.96 22.86
C ASP A 525 -15.70 14.75 21.36
N GLY A 526 -14.89 13.93 20.71
CA GLY A 526 -15.06 13.71 19.29
C GLY A 526 -13.97 12.80 18.77
N MET A 527 -14.09 12.45 17.49
CA MET A 527 -13.06 11.60 16.88
C MET A 527 -11.71 12.30 16.89
N VAL A 528 -11.70 13.60 16.58
CA VAL A 528 -10.50 14.42 16.54
C VAL A 528 -10.92 15.86 16.84
N SER A 529 -10.12 16.55 17.63
CA SER A 529 -10.46 17.93 17.99
C SER A 529 -10.35 18.84 16.77
N ALA A 530 -11.25 19.81 16.69
CA ALA A 530 -11.28 20.72 15.55
C ALA A 530 -9.99 21.54 15.47
N GLU A 531 -9.44 21.95 16.61
CA GLU A 531 -8.19 22.72 16.60
C GLU A 531 -7.05 21.90 16.03
N SER A 532 -6.95 20.63 16.41
CA SER A 532 -5.81 19.84 15.96
C SER A 532 -5.96 19.41 14.51
N ALA A 533 -7.19 19.11 14.06
CA ALA A 533 -7.38 18.75 12.66
C ALA A 533 -7.08 19.92 11.74
N LYS A 534 -7.43 21.14 12.18
CA LYS A 534 -7.14 22.32 11.37
C LYS A 534 -5.64 22.56 11.24
N TYR A 535 -4.87 22.26 12.30
CA TYR A 535 -3.43 22.51 12.25
C TYR A 535 -2.71 21.48 11.39
N TRP A 536 -2.92 20.20 11.66
CA TRP A 536 -2.17 19.16 10.98
C TRP A 536 -2.70 18.86 9.58
N GLY A 537 -3.96 19.19 9.29
CA GLY A 537 -4.51 19.03 7.96
C GLY A 537 -4.51 17.59 7.49
N ALA A 538 -3.66 17.29 6.51
CA ALA A 538 -3.53 15.95 5.95
C ALA A 538 -2.16 15.38 6.30
N VAL A 539 -2.04 14.06 6.15
CA VAL A 539 -0.72 13.43 6.23
C VAL A 539 0.10 13.87 5.03
N ASP A 540 1.28 14.42 5.28
CA ASP A 540 2.16 14.86 4.19
C ASP A 540 2.86 13.68 3.52
N GLN A 541 3.23 12.66 4.29
CA GLN A 541 3.96 11.50 3.77
C GLN A 541 3.47 10.24 4.44
N TYR A 542 3.00 9.28 3.65
CA TYR A 542 2.54 7.98 4.10
C TYR A 542 3.50 6.93 3.55
N ILE A 543 3.95 5.99 4.41
CA ILE A 543 4.89 4.95 4.02
C ILE A 543 4.31 3.59 4.45
N GLY A 544 4.27 2.64 3.52
CA GLY A 544 3.75 1.32 3.86
C GLY A 544 3.82 0.37 2.67
N GLY A 545 3.47 -0.88 2.93
CA GLY A 545 3.61 -1.93 1.94
C GLY A 545 2.54 -1.88 0.86
N ILE A 546 2.91 -2.36 -0.33
CA ILE A 546 2.03 -2.31 -1.50
C ILE A 546 0.79 -3.17 -1.35
N GLU A 547 0.80 -4.15 -0.43
CA GLU A 547 -0.36 -4.99 -0.27
C GLU A 547 -1.59 -4.20 0.21
N HIS A 548 -1.38 -2.98 0.69
CA HIS A 548 -2.46 -2.14 1.16
C HIS A 548 -2.87 -1.07 0.14
N ALA A 549 -2.39 -1.21 -1.10
CA ALA A 549 -2.60 -0.17 -2.11
C ALA A 549 -4.06 -0.02 -2.52
N ILE A 550 -4.89 -1.03 -2.29
CA ILE A 550 -6.27 -0.94 -2.77
C ILE A 550 -7.23 -0.77 -1.61
N LEU A 551 -7.42 -1.82 -0.79
CA LEU A 551 -8.49 -1.79 0.20
C LEU A 551 -8.23 -0.74 1.26
N HIS A 552 -7.12 -0.88 2.01
CA HIS A 552 -6.84 0.03 3.11
C HIS A 552 -6.89 1.49 2.65
N LEU A 553 -6.22 1.79 1.53
CA LEU A 553 -6.15 3.19 1.10
C LEU A 553 -7.52 3.69 0.65
N LEU A 554 -8.25 2.86 -0.09
CA LEU A 554 -9.60 3.22 -0.48
C LEU A 554 -10.49 3.44 0.73
N TYR A 555 -10.38 2.56 1.74
CA TYR A 555 -11.18 2.71 2.95
C TYR A 555 -10.81 4.00 3.67
N ALA A 556 -9.52 4.30 3.72
CA ALA A 556 -9.06 5.49 4.43
C ALA A 556 -9.49 6.75 3.69
N ARG A 557 -9.49 6.72 2.36
CA ARG A 557 -9.96 7.88 1.61
C ARG A 557 -11.46 8.06 1.80
N PHE A 558 -12.18 6.94 1.85
CA PHE A 558 -13.61 6.94 2.11
C PHE A 558 -13.93 7.53 3.48
N PHE A 559 -13.30 6.99 4.54
CA PHE A 559 -13.54 7.50 5.88
C PHE A 559 -13.23 9.00 5.98
N THR A 560 -12.17 9.44 5.29
CA THR A 560 -11.82 10.86 5.32
C THR A 560 -12.94 11.71 4.75
N LYS A 561 -13.56 11.25 3.67
CA LYS A 561 -14.65 12.01 3.08
C LYS A 561 -15.92 11.92 3.92
N LEU A 562 -16.16 10.77 4.56
CA LEU A 562 -17.25 10.66 5.52
C LEU A 562 -17.04 11.63 6.68
N MET A 563 -15.82 11.70 7.22
CA MET A 563 -15.55 12.58 8.35
C MET A 563 -15.61 14.05 7.93
N ARG A 564 -15.09 14.38 6.75
CA ARG A 564 -15.25 15.72 6.21
C ARG A 564 -16.72 16.12 6.17
N ASP A 565 -17.56 15.23 5.64
CA ASP A 565 -18.97 15.54 5.49
C ASP A 565 -19.69 15.64 6.83
N GLU A 566 -19.16 14.98 7.86
CA GLU A 566 -19.67 15.16 9.22
C GLU A 566 -19.17 16.45 9.87
N GLY A 567 -18.28 17.19 9.20
CA GLY A 567 -17.75 18.42 9.77
C GLY A 567 -16.58 18.22 10.72
N LEU A 568 -16.00 17.03 10.75
CA LEU A 568 -14.90 16.73 11.66
C LEU A 568 -13.55 17.17 11.08
N VAL A 569 -13.38 17.13 9.76
CA VAL A 569 -12.11 17.47 9.13
C VAL A 569 -12.38 18.33 7.90
N ASN A 570 -11.33 18.96 7.41
CA ASN A 570 -11.43 19.86 6.27
C ASN A 570 -10.91 19.29 4.97
N VAL A 571 -10.06 18.27 5.03
CA VAL A 571 -9.41 17.77 3.82
C VAL A 571 -10.35 16.83 3.08
N ASP A 572 -10.09 16.68 1.76
CA ASP A 572 -10.71 15.66 0.94
C ASP A 572 -9.92 14.36 0.89
N GLU A 573 -8.61 14.41 1.13
CA GLU A 573 -7.72 13.29 0.94
C GLU A 573 -6.81 13.15 2.16
N PRO A 574 -6.65 11.94 2.68
CA PRO A 574 -5.81 11.76 3.87
C PRO A 574 -4.31 11.81 3.61
N PHE A 575 -3.83 11.38 2.44
CA PHE A 575 -2.39 11.17 2.24
C PHE A 575 -1.94 11.93 1.00
N GLU A 576 -1.04 12.90 1.20
CA GLU A 576 -0.54 13.72 0.10
C GLU A 576 0.49 12.96 -0.73
N ARG A 577 1.59 12.57 -0.10
CA ARG A 577 2.62 11.75 -0.71
C ARG A 577 2.50 10.32 -0.21
N LEU A 578 2.76 9.37 -1.10
CA LEU A 578 2.69 7.95 -0.77
C LEU A 578 3.96 7.26 -1.26
N LEU A 579 4.60 6.51 -0.37
CA LEU A 579 5.78 5.71 -0.69
C LEU A 579 5.47 4.27 -0.32
N THR A 580 5.67 3.36 -1.26
CA THR A 580 5.39 1.95 -1.05
C THR A 580 6.69 1.18 -1.02
N GLN A 581 6.98 0.57 0.13
CA GLN A 581 8.22 -0.17 0.33
C GLN A 581 8.10 -1.57 -0.26
N GLY A 582 9.25 -2.11 -0.70
CA GLY A 582 9.28 -3.47 -1.20
C GLY A 582 9.42 -4.50 -0.10
N MET A 583 9.27 -5.77 -0.50
CA MET A 583 9.37 -6.90 0.42
C MET A 583 10.79 -7.07 0.93
N VAL A 584 10.91 -7.83 2.01
CA VAL A 584 12.20 -8.32 2.51
C VAL A 584 12.25 -9.82 2.27
N VAL A 585 13.26 -10.27 1.52
CA VAL A 585 13.38 -11.67 1.14
C VAL A 585 14.63 -12.26 1.77
N CYS A 586 14.67 -13.59 1.83
CA CYS A 586 15.81 -14.28 2.42
C CYS A 586 15.89 -15.70 1.89
N GLU A 587 17.12 -16.20 1.80
CA GLU A 587 17.39 -17.57 1.43
C GLU A 587 16.69 -18.53 2.39
N THR A 588 16.42 -19.75 1.90
CA THR A 588 15.77 -20.80 2.68
C THR A 588 16.68 -22.02 2.75
N TYR A 589 16.53 -22.79 3.83
CA TYR A 589 17.40 -23.93 4.09
C TYR A 589 16.55 -25.12 4.49
N TYR A 590 16.81 -26.27 3.88
CA TYR A 590 16.01 -27.47 4.15
C TYR A 590 16.90 -28.69 4.35
N ARG A 591 16.30 -29.71 4.97
CA ARG A 591 16.97 -30.98 5.25
C ARG A 591 15.88 -32.04 5.29
N GLU A 592 15.92 -32.97 4.33
CA GLU A 592 14.80 -33.88 4.11
C GLU A 592 14.58 -34.81 5.31
N ASN A 593 13.36 -35.34 5.40
CA ASN A 593 13.00 -36.21 6.53
C ASN A 593 12.23 -37.46 6.10
N ASP A 594 11.29 -37.91 6.96
CA ASP A 594 10.86 -39.30 6.96
C ASP A 594 10.09 -39.72 5.71
N LYS A 595 9.53 -38.80 4.93
CA LYS A 595 8.56 -39.17 3.91
C LYS A 595 8.84 -38.51 2.57
N GLY A 596 10.11 -38.33 2.23
CA GLY A 596 10.45 -37.73 0.95
C GLY A 596 9.96 -36.31 0.80
N GLY A 597 9.99 -35.53 1.87
CA GLY A 597 9.60 -34.14 1.84
C GLY A 597 10.74 -33.22 2.22
N LYS A 598 10.43 -31.99 2.66
CA LYS A 598 11.45 -31.01 3.02
C LYS A 598 11.06 -30.34 4.33
N ASP A 599 11.99 -30.31 5.28
CA ASP A 599 11.85 -29.57 6.52
C ASP A 599 12.70 -28.30 6.45
N TRP A 600 12.19 -27.19 7.00
CA TRP A 600 12.76 -25.87 6.78
C TRP A 600 13.43 -25.32 8.04
N ILE A 601 14.68 -24.86 7.88
CA ILE A 601 15.53 -24.40 8.99
C ILE A 601 15.68 -22.89 8.90
N ASN A 602 15.63 -22.22 10.07
CA ASN A 602 15.76 -20.76 10.11
C ASN A 602 17.21 -20.36 9.80
N PRO A 603 17.42 -19.25 9.10
CA PRO A 603 18.80 -18.87 8.71
C PRO A 603 19.73 -18.59 9.88
N ALA A 604 19.23 -18.02 10.98
CA ALA A 604 20.11 -17.73 12.11
C ALA A 604 20.66 -19.00 12.75
N ASP A 605 19.98 -20.14 12.60
CA ASP A 605 20.49 -21.41 13.08
C ASP A 605 21.36 -22.12 12.04
N VAL A 606 21.90 -21.37 11.06
CA VAL A 606 22.72 -21.94 10.00
C VAL A 606 24.04 -21.19 9.94
N GLU A 607 25.08 -21.92 9.54
CA GLU A 607 26.39 -21.35 9.26
C GLU A 607 26.86 -21.87 7.90
N LEU A 608 27.47 -20.99 7.12
CA LEU A 608 27.96 -21.38 5.81
C LEU A 608 29.43 -21.80 5.89
N THR A 609 29.85 -22.60 4.92
CA THR A 609 31.21 -23.13 4.89
C THR A 609 32.10 -22.35 3.91
N PRO A 616 32.96 -20.02 0.06
CA PRO A 616 31.50 -20.05 -0.02
C PRO A 616 30.98 -21.32 -0.70
N VAL A 617 30.93 -22.41 0.07
CA VAL A 617 30.57 -23.73 -0.47
C VAL A 617 29.15 -24.10 -0.07
N SER A 618 28.99 -24.83 1.03
CA SER A 618 27.71 -25.32 1.51
C SER A 618 27.40 -24.70 2.87
N ALA A 619 26.29 -25.12 3.46
CA ALA A 619 25.85 -24.63 4.75
C ALA A 619 25.60 -25.79 5.71
N VAL A 620 25.63 -25.46 7.00
CA VAL A 620 25.47 -26.45 8.07
C VAL A 620 24.79 -25.79 9.26
N LEU A 621 24.17 -26.61 10.11
CA LEU A 621 23.53 -26.12 11.32
C LEU A 621 24.58 -25.68 12.33
N LYS A 622 24.36 -24.50 12.94
CA LYS A 622 25.34 -23.97 13.89
C LYS A 622 25.50 -24.84 15.12
N ALA A 623 24.44 -25.56 15.52
CA ALA A 623 24.47 -26.31 16.77
C ALA A 623 25.37 -27.55 16.67
N ASP A 624 25.27 -28.30 15.57
CA ASP A 624 26.03 -29.54 15.44
C ASP A 624 27.10 -29.51 14.35
N GLY A 625 26.98 -28.64 13.36
CA GLY A 625 27.96 -28.61 12.28
C GLY A 625 27.69 -29.57 11.14
N LEU A 626 26.48 -30.17 11.08
CA LEU A 626 26.00 -31.11 10.07
C LEU A 626 25.30 -30.37 8.94
N PRO A 627 25.42 -30.87 7.70
CA PRO A 627 25.00 -30.10 6.54
C PRO A 627 23.48 -29.92 6.45
N VAL A 628 23.09 -28.90 5.68
CA VAL A 628 21.71 -28.64 5.31
C VAL A 628 21.70 -28.19 3.85
N VAL A 629 20.51 -28.25 3.24
CA VAL A 629 20.36 -27.94 1.81
C VAL A 629 19.99 -26.48 1.64
N ILE A 630 20.71 -25.80 0.76
CA ILE A 630 20.46 -24.39 0.47
C ILE A 630 19.42 -24.31 -0.64
N SER A 631 18.33 -23.59 -0.38
CA SER A 631 17.23 -23.52 -1.33
C SER A 631 16.97 -22.10 -1.81
N GLY A 632 15.75 -21.83 -2.29
CA GLY A 632 15.49 -20.60 -2.99
C GLY A 632 15.18 -19.42 -2.09
N THR A 633 15.32 -18.23 -2.67
CA THR A 633 15.11 -16.97 -1.96
C THR A 633 13.68 -16.52 -2.15
N GLU A 634 13.05 -16.08 -1.06
CA GLU A 634 11.70 -15.55 -1.13
C GLU A 634 11.41 -14.70 0.11
N LYS A 635 10.27 -14.01 0.06
CA LYS A 635 9.82 -13.18 1.17
C LYS A 635 9.88 -13.93 2.49
N MET A 636 10.38 -13.26 3.52
CA MET A 636 10.48 -13.85 4.85
C MET A 636 9.10 -14.19 5.38
N SER A 637 8.94 -15.43 5.86
CA SER A 637 7.67 -15.86 6.42
C SER A 637 7.86 -17.13 7.25
N LYS A 638 6.91 -17.36 8.15
CA LYS A 638 6.90 -18.60 8.93
C LYS A 638 6.76 -19.83 8.05
N SER A 639 6.33 -19.67 6.79
CA SER A 639 6.06 -20.81 5.93
C SER A 639 7.32 -21.66 5.71
N LYS A 640 8.39 -21.05 5.21
CA LYS A 640 9.64 -21.77 4.98
C LYS A 640 10.71 -21.42 6.00
N ASN A 641 10.30 -20.86 7.15
CA ASN A 641 11.19 -20.63 8.28
C ASN A 641 12.43 -19.86 7.85
N ASN A 642 12.23 -18.72 7.20
CA ASN A 642 13.33 -17.93 6.70
C ASN A 642 13.29 -16.48 7.20
N GLY A 643 12.48 -16.19 8.21
CA GLY A 643 12.44 -14.86 8.78
C GLY A 643 13.62 -14.64 9.70
N VAL A 644 14.34 -13.55 9.49
CA VAL A 644 15.49 -13.17 10.32
C VAL A 644 14.98 -12.23 11.39
N ASP A 645 15.12 -12.62 12.64
CA ASP A 645 14.67 -11.79 13.75
C ASP A 645 15.51 -10.52 13.79
N PRO A 646 14.92 -9.34 13.63
CA PRO A 646 15.72 -8.10 13.76
C PRO A 646 16.32 -7.93 15.14
N GLN A 647 15.75 -8.54 16.18
CA GLN A 647 16.32 -8.41 17.52
C GLN A 647 17.71 -9.05 17.59
N GLU A 648 17.96 -10.10 16.81
CA GLU A 648 19.31 -10.64 16.74
C GLU A 648 20.23 -9.70 16.00
N LEU A 649 19.73 -9.05 14.95
CA LEU A 649 20.52 -8.05 14.22
C LEU A 649 20.91 -6.90 15.14
N ILE A 650 19.96 -6.40 15.94
CA ILE A 650 20.25 -5.32 16.89
C ILE A 650 21.25 -5.80 17.95
N ASN A 651 20.98 -6.97 18.56
CA ASN A 651 21.89 -7.49 19.59
C ASN A 651 23.31 -7.64 19.04
N ALA A 652 23.44 -8.08 17.79
CA ALA A 652 24.76 -8.39 17.26
C ALA A 652 25.53 -7.13 16.90
N TYR A 653 24.85 -6.11 16.39
CA TYR A 653 25.53 -4.96 15.77
C TYR A 653 25.04 -3.59 16.24
N GLY A 654 23.88 -3.48 16.87
CA GLY A 654 23.36 -2.18 17.23
C GLY A 654 22.32 -1.67 16.23
N ALA A 655 21.53 -0.68 16.69
CA ALA A 655 20.44 -0.17 15.88
C ALA A 655 20.93 0.51 14.61
N ASP A 656 21.99 1.33 14.71
CA ASP A 656 22.44 2.08 13.54
C ASP A 656 22.85 1.16 12.40
N THR A 657 23.51 0.04 12.70
CA THR A 657 23.86 -0.92 11.65
C THR A 657 22.60 -1.49 10.99
N ALA A 658 21.60 -1.82 11.79
CA ALA A 658 20.34 -2.31 11.21
C ALA A 658 19.74 -1.26 10.30
N ARG A 659 19.67 -0.01 10.76
CA ARG A 659 19.08 1.05 9.95
C ARG A 659 19.88 1.26 8.66
N LEU A 660 21.20 1.27 8.76
CA LEU A 660 22.03 1.51 7.60
C LEU A 660 21.89 0.39 6.58
N PHE A 661 21.92 -0.86 7.04
CA PHE A 661 21.80 -1.96 6.09
C PHE A 661 20.49 -1.89 5.31
N MET A 662 19.39 -1.60 5.99
CA MET A 662 18.10 -1.55 5.30
C MET A 662 18.08 -0.45 4.24
N MET A 663 18.63 0.73 4.57
CA MET A 663 18.57 1.85 3.65
C MET A 663 19.59 1.74 2.53
N PHE A 664 20.73 1.09 2.78
CA PHE A 664 21.76 1.01 1.77
C PHE A 664 21.54 -0.13 0.78
N ALA A 665 20.90 -1.22 1.23
CA ALA A 665 20.89 -2.45 0.44
C ALA A 665 20.11 -2.30 -0.85
N ALA A 666 18.99 -1.57 -0.83
CA ALA A 666 18.12 -1.45 -1.98
C ALA A 666 17.33 -0.15 -1.88
N PRO A 667 16.87 0.41 -3.00
CA PRO A 667 15.89 1.49 -2.93
C PRO A 667 14.63 1.02 -2.24
N PRO A 668 13.91 1.93 -1.58
CA PRO A 668 12.74 1.50 -0.78
C PRO A 668 11.71 0.70 -1.55
N GLU A 669 11.45 1.02 -2.83
CA GLU A 669 10.48 0.26 -3.60
C GLU A 669 11.00 -1.12 -4.00
N GLN A 670 12.31 -1.32 -4.07
CA GLN A 670 12.90 -2.57 -4.53
CA GLN A 670 12.84 -2.59 -4.54
C GLN A 670 12.92 -3.59 -3.39
N SER A 671 12.84 -4.87 -3.76
CA SER A 671 12.93 -5.94 -2.77
C SER A 671 14.31 -5.96 -2.14
N LEU A 672 14.34 -6.13 -0.82
CA LEU A 672 15.57 -6.12 -0.04
C LEU A 672 15.98 -7.55 0.28
N GLU A 673 17.16 -7.96 -0.19
CA GLU A 673 17.66 -9.31 0.03
C GLU A 673 18.51 -9.33 1.28
N TRP A 674 18.18 -10.25 2.20
CA TRP A 674 18.99 -10.39 3.40
C TRP A 674 20.41 -10.80 3.04
N SER A 675 21.39 -10.18 3.71
CA SER A 675 22.79 -10.42 3.37
C SER A 675 23.64 -10.25 4.62
N ASP A 676 24.32 -11.31 5.04
CA ASP A 676 25.24 -11.20 6.17
C ASP A 676 26.42 -10.31 5.83
N SER A 677 27.05 -10.56 4.68
CA SER A 677 28.12 -9.69 4.21
C SER A 677 27.64 -8.25 4.10
N GLY A 678 26.41 -8.05 3.62
CA GLY A 678 25.87 -6.70 3.57
C GLY A 678 25.77 -6.07 4.94
N VAL A 679 25.29 -6.83 5.94
CA VAL A 679 25.19 -6.30 7.28
C VAL A 679 26.57 -6.01 7.85
N GLU A 680 27.54 -6.91 7.61
CA GLU A 680 28.90 -6.66 8.05
C GLU A 680 29.48 -5.41 7.39
N GLY A 681 29.19 -5.20 6.10
CA GLY A 681 29.68 -4.01 5.43
C GLY A 681 29.09 -2.73 5.99
N ALA A 682 27.82 -2.76 6.36
CA ALA A 682 27.21 -1.59 6.99
C ALA A 682 27.89 -1.27 8.32
N HIS A 683 28.11 -2.29 9.15
CA HIS A 683 28.76 -2.08 10.43
C HIS A 683 30.20 -1.57 10.24
N ARG A 684 30.93 -2.15 9.28
CA ARG A 684 32.30 -1.71 9.05
C ARG A 684 32.33 -0.25 8.59
N PHE A 685 31.37 0.17 7.76
CA PHE A 685 31.35 1.57 7.37
C PHE A 685 31.16 2.47 8.58
N LEU A 686 30.29 2.06 9.51
CA LEU A 686 30.10 2.86 10.72
C LEU A 686 31.41 2.93 11.52
N ARG A 687 32.17 1.83 11.56
CA ARG A 687 33.48 1.87 12.19
C ARG A 687 34.41 2.84 11.46
N ARG A 688 34.34 2.87 10.13
CA ARG A 688 35.17 3.80 9.35
C ARG A 688 34.80 5.24 9.68
N LEU A 689 33.51 5.56 9.67
CA LEU A 689 33.05 6.89 10.05
C LEU A 689 33.55 7.26 11.45
N TRP A 690 33.43 6.32 12.39
CA TRP A 690 33.88 6.58 13.75
C TRP A 690 35.37 6.91 13.79
N ARG A 691 36.18 6.10 13.10
CA ARG A 691 37.62 6.29 13.14
C ARG A 691 38.05 7.55 12.40
N THR A 692 37.31 7.95 11.36
CA THR A 692 37.65 9.15 10.62
C THR A 692 37.56 10.38 11.50
N VAL A 693 36.48 10.48 12.28
CA VAL A 693 36.33 11.62 13.19
C VAL A 693 37.32 11.53 14.33
N TYR A 694 37.49 10.32 14.89
CA TYR A 694 38.47 10.14 15.97
C TYR A 694 39.87 10.53 15.52
N GLU A 695 40.28 10.07 14.33
CA GLU A 695 41.63 10.37 13.90
C GLU A 695 41.82 11.84 13.58
N TYR A 696 40.77 12.49 13.05
CA TYR A 696 40.84 13.91 12.76
C TYR A 696 41.00 14.72 14.05
N LEU A 697 40.26 14.34 15.10
CA LEU A 697 40.35 15.02 16.39
C LEU A 697 41.63 14.66 17.13
N LYS A 698 42.18 13.47 16.89
CA LYS A 698 43.43 13.10 17.55
C LYS A 698 44.60 13.94 17.06
N GLN A 699 44.58 14.36 15.81
CA GLN A 699 45.64 15.23 15.29
C GLN A 699 45.16 16.68 15.27
N GLY A 700 44.89 17.22 16.47
CA GLY A 700 44.67 18.65 16.58
C GLY A 700 43.42 19.12 17.30
N GLY A 701 42.40 18.29 17.38
CA GLY A 701 41.13 18.74 17.92
C GLY A 701 40.37 19.65 16.96
N ALA A 702 39.20 20.09 17.42
CA ALA A 702 38.23 20.74 16.55
C ALA A 702 38.63 22.18 16.23
N VAL A 703 38.24 22.63 15.03
CA VAL A 703 38.41 24.02 14.62
C VAL A 703 37.08 24.55 14.08
N LYS A 704 37.05 25.85 13.83
CA LYS A 704 35.92 26.46 13.17
C LYS A 704 35.86 25.99 11.73
N ALA A 705 34.71 25.44 11.33
CA ALA A 705 34.56 24.92 9.98
C ALA A 705 34.80 26.02 8.97
N PHE A 706 35.32 25.63 7.80
CA PHE A 706 35.54 26.61 6.76
C PHE A 706 34.23 27.19 6.27
N ALA A 707 34.22 28.52 6.07
CA ALA A 707 33.06 29.20 5.51
C ALA A 707 33.50 30.50 4.86
N GLY A 708 32.84 30.84 3.76
CA GLY A 708 33.04 32.11 3.11
C GLY A 708 33.78 31.99 1.80
N ASN A 709 34.27 33.14 1.33
CA ASN A 709 35.09 33.21 0.13
C ASN A 709 36.22 32.20 0.21
N GLN A 710 36.33 31.36 -0.83
CA GLN A 710 37.36 30.34 -0.88
C GLN A 710 38.49 30.70 -1.84
N ASP A 711 38.58 31.97 -2.24
CA ASP A 711 39.76 32.44 -2.94
C ASP A 711 41.00 32.25 -2.07
N GLY A 712 42.09 31.80 -2.69
CA GLY A 712 43.30 31.54 -1.95
C GLY A 712 43.39 30.17 -1.32
N LEU A 713 42.31 29.38 -1.37
CA LEU A 713 42.42 27.96 -1.02
C LEU A 713 43.12 27.21 -2.15
N SER A 714 43.89 26.20 -1.76
CA SER A 714 44.59 25.38 -2.75
C SER A 714 43.59 24.63 -3.63
N LYS A 715 44.08 24.20 -4.80
CA LYS A 715 43.26 23.47 -5.75
C LYS A 715 42.67 22.21 -5.12
N GLU A 716 43.47 21.50 -4.32
CA GLU A 716 43.01 20.25 -3.72
C GLU A 716 41.90 20.49 -2.72
N LEU A 717 41.95 21.60 -1.97
CA LEU A 717 40.91 21.89 -1.00
C LEU A 717 39.67 22.49 -1.66
N LYS A 718 39.85 23.29 -2.71
CA LYS A 718 38.71 23.72 -3.51
C LYS A 718 37.96 22.52 -4.08
N ASP A 719 38.71 21.49 -4.49
CA ASP A 719 38.09 20.29 -5.06
C ASP A 719 37.32 19.50 -4.02
N LEU A 720 37.83 19.46 -2.79
CA LEU A 720 37.11 18.77 -1.72
C LEU A 720 35.86 19.53 -1.34
N ARG A 721 35.92 20.87 -1.33
CA ARG A 721 34.71 21.66 -1.08
C ARG A 721 33.69 21.48 -2.19
N HIS A 722 34.15 21.35 -3.43
CA HIS A 722 33.22 21.06 -4.52
C HIS A 722 32.53 19.73 -4.30
N LYS A 723 33.31 18.67 -4.06
CA LYS A 723 32.71 17.36 -3.75
C LYS A 723 31.75 17.46 -2.58
N LEU A 724 32.09 18.30 -1.60
CA LEU A 724 31.29 18.42 -0.39
C LEU A 724 29.90 18.98 -0.71
N HIS A 725 29.86 20.16 -1.32
CA HIS A 725 28.57 20.82 -1.51
C HIS A 725 27.76 20.18 -2.64
N SER A 726 28.41 19.51 -3.58
CA SER A 726 27.66 18.69 -4.52
C SER A 726 27.08 17.46 -3.82
N THR A 727 27.80 16.91 -2.85
CA THR A 727 27.26 15.78 -2.08
C THR A 727 26.05 16.22 -1.26
N THR A 728 26.17 17.35 -0.55
CA THR A 728 25.03 17.91 0.16
C THR A 728 23.84 18.10 -0.76
N ALA A 729 24.08 18.62 -1.98
CA ALA A 729 22.99 18.78 -2.92
C ALA A 729 22.43 17.44 -3.38
N LYS A 730 23.31 16.48 -3.66
CA LYS A 730 22.84 15.15 -4.06
C LYS A 730 22.00 14.50 -2.97
N VAL A 731 22.51 14.53 -1.72
CA VAL A 731 21.79 13.91 -0.60
C VAL A 731 20.44 14.58 -0.38
N SER A 732 20.42 15.92 -0.33
CA SER A 732 19.15 16.64 -0.16
C SER A 732 18.16 16.26 -1.24
N ASP A 733 18.62 16.13 -2.48
CA ASP A 733 17.70 15.77 -3.54
C ASP A 733 17.29 14.31 -3.45
N ASP A 734 18.12 13.46 -2.85
CA ASP A 734 17.74 12.07 -2.65
C ASP A 734 16.74 11.93 -1.52
N TYR A 735 16.92 12.69 -0.43
CA TYR A 735 15.99 12.58 0.69
C TYR A 735 14.64 13.19 0.34
N GLY A 736 14.65 14.39 -0.24
CA GLY A 736 13.42 15.15 -0.41
C GLY A 736 12.68 14.92 -1.72
N ARG A 737 13.36 14.43 -2.75
CA ARG A 737 12.72 14.28 -4.07
C ARG A 737 12.69 12.81 -4.48
N ARG A 738 13.84 12.18 -4.74
CA ARG A 738 13.85 10.82 -5.26
C ARG A 738 13.42 9.80 -4.21
N GLN A 739 13.57 10.11 -2.93
CA GLN A 739 13.34 9.15 -1.85
C GLN A 739 14.03 7.82 -2.15
N GLN A 740 15.31 7.89 -2.52
CA GLN A 740 16.18 6.72 -2.59
C GLN A 740 17.39 7.00 -1.73
N PHE A 741 17.49 6.28 -0.63
CA PHE A 741 18.47 6.57 0.40
C PHE A 741 19.77 5.84 0.18
N ASN A 742 19.76 4.77 -0.63
CA ASN A 742 20.98 4.05 -0.94
C ASN A 742 21.98 4.93 -1.68
N THR A 743 21.50 5.67 -2.70
CA THR A 743 22.42 6.53 -3.45
C THR A 743 22.91 7.70 -2.60
N ALA A 744 22.07 8.19 -1.67
CA ALA A 744 22.51 9.22 -0.73
C ALA A 744 23.64 8.70 0.13
N ILE A 745 23.57 7.44 0.55
CA ILE A 745 24.64 6.84 1.35
C ILE A 745 25.90 6.71 0.52
N ALA A 746 25.77 6.23 -0.72
CA ALA A 746 26.94 6.08 -1.58
C ALA A 746 27.60 7.44 -1.84
N ALA A 747 26.79 8.50 -1.95
CA ALA A 747 27.34 9.83 -2.23
C ALA A 747 28.19 10.32 -1.07
N VAL A 748 27.71 10.13 0.16
CA VAL A 748 28.50 10.45 1.33
C VAL A 748 29.77 9.61 1.38
N MET A 749 29.66 8.34 1.00
CA MET A 749 30.84 7.48 0.94
C MET A 749 31.86 8.02 -0.06
N GLU A 750 31.41 8.58 -1.17
CA GLU A 750 32.33 9.16 -2.13
C GLU A 750 32.99 10.43 -1.57
N LEU A 751 32.22 11.27 -0.89
CA LEU A 751 32.80 12.41 -0.19
C LEU A 751 33.95 11.98 0.72
N LEU A 752 33.70 10.96 1.57
CA LEU A 752 34.71 10.50 2.49
C LEU A 752 35.91 9.90 1.76
N ASN A 753 35.67 9.26 0.61
CA ASN A 753 36.78 8.76 -0.20
C ASN A 753 37.69 9.89 -0.64
N GLN A 754 37.11 10.96 -1.21
CA GLN A 754 37.93 12.08 -1.65
C GLN A 754 38.65 12.72 -0.48
N TYR A 755 37.95 12.88 0.66
CA TYR A 755 38.57 13.38 1.87
C TYR A 755 39.78 12.56 2.25
N ASP A 756 39.68 11.23 2.11
CA ASP A 756 40.79 10.34 2.47
C ASP A 756 42.02 10.58 1.59
N LYS A 757 41.82 10.98 0.34
CA LYS A 757 42.92 11.24 -0.58
C LYS A 757 43.37 12.69 -0.55
N THR A 758 42.79 13.54 0.30
CA THR A 758 43.19 14.93 0.39
C THR A 758 44.03 15.17 1.64
N ASP A 759 45.18 15.82 1.47
CA ASP A 759 45.99 16.29 2.58
C ASP A 759 45.27 17.46 3.24
N THR A 760 44.72 17.22 4.45
CA THR A 760 44.04 18.25 5.23
C THR A 760 44.87 18.69 6.43
N GLY A 761 46.20 18.64 6.29
CA GLY A 761 47.07 18.92 7.43
C GLY A 761 47.28 20.39 7.73
N SER A 762 47.20 21.26 6.72
CA SER A 762 47.44 22.69 6.95
C SER A 762 46.33 23.29 7.79
N GLU A 763 46.49 24.57 8.13
CA GLU A 763 45.47 25.26 8.90
C GLU A 763 44.17 25.39 8.10
N GLN A 764 44.29 25.79 6.83
CA GLN A 764 43.11 25.81 5.98
C GLN A 764 42.61 24.40 5.71
N GLY A 765 43.51 23.42 5.69
CA GLY A 765 43.08 22.04 5.50
C GLY A 765 42.18 21.56 6.62
N ARG A 766 42.56 21.86 7.87
CA ARG A 766 41.74 21.46 9.01
C ARG A 766 40.38 22.14 8.98
N ALA A 767 40.35 23.40 8.54
CA ALA A 767 39.09 24.11 8.42
C ALA A 767 38.18 23.44 7.40
N VAL A 768 38.74 22.99 6.27
CA VAL A 768 37.95 22.26 5.27
C VAL A 768 37.56 20.88 5.80
N ALA A 769 38.48 20.22 6.51
CA ALA A 769 38.18 18.92 7.09
C ALA A 769 37.04 19.02 8.10
N GLN A 770 37.09 20.03 8.98
CA GLN A 770 35.98 20.26 9.89
C GLN A 770 34.67 20.44 9.15
N GLU A 771 34.70 21.20 8.05
CA GLU A 771 33.48 21.45 7.27
C GLU A 771 32.97 20.17 6.63
N VAL A 772 33.87 19.32 6.11
CA VAL A 772 33.46 18.06 5.53
C VAL A 772 32.78 17.18 6.57
N LEU A 773 33.44 17.01 7.73
CA LEU A 773 32.92 16.09 8.74
C LEU A 773 31.62 16.60 9.35
N GLU A 774 31.54 17.90 9.67
CA GLU A 774 30.31 18.45 10.20
C GLU A 774 29.14 18.25 9.23
N ALA A 775 29.42 18.26 7.93
CA ALA A 775 28.36 18.04 6.96
C ALA A 775 28.01 16.56 6.85
N ALA A 776 29.03 15.68 6.81
CA ALA A 776 28.78 14.26 6.60
C ALA A 776 27.93 13.67 7.74
N VAL A 777 28.19 14.07 8.98
CA VAL A 777 27.46 13.52 10.11
C VAL A 777 26.03 14.04 10.16
N ARG A 778 25.78 15.23 9.62
CA ARG A 778 24.41 15.71 9.55
C ARG A 778 23.68 15.09 8.36
N LEU A 779 24.37 14.97 7.22
CA LEU A 779 23.78 14.29 6.06
C LEU A 779 23.38 12.86 6.37
N LEU A 780 24.10 12.19 7.29
CA LEU A 780 23.82 10.80 7.64
C LEU A 780 22.94 10.65 8.88
N TRP A 781 22.80 11.69 9.69
CA TRP A 781 22.01 11.62 10.91
C TRP A 781 20.60 11.08 10.71
N PRO A 782 19.86 11.45 9.65
CA PRO A 782 18.57 10.78 9.43
C PRO A 782 18.64 9.27 9.34
N ILE A 783 19.74 8.71 8.83
CA ILE A 783 19.85 7.26 8.66
C ILE A 783 20.41 6.61 9.91
N VAL A 784 21.51 7.15 10.45
CA VAL A 784 22.17 6.56 11.60
C VAL A 784 22.32 7.62 12.68
N PRO A 785 21.23 8.01 13.36
CA PRO A 785 21.29 9.18 14.24
C PRO A 785 22.13 8.99 15.49
N HIS A 786 22.23 7.76 16.03
CA HIS A 786 22.98 7.60 17.28
C HIS A 786 24.45 7.94 17.09
N ILE A 787 25.12 7.31 16.11
CA ILE A 787 26.54 7.57 15.96
C ILE A 787 26.79 9.00 15.49
N CYS A 788 25.90 9.53 14.64
CA CYS A 788 26.09 10.89 14.14
C CYS A 788 25.88 11.93 15.23
N GLU A 789 24.90 11.71 16.11
CA GLU A 789 24.72 12.57 17.28
C GLU A 789 25.98 12.58 18.13
N THR A 790 26.54 11.40 18.36
CA THR A 790 27.75 11.30 19.19
C THR A 790 28.92 12.00 18.51
N LEU A 791 29.14 11.71 17.22
CA LEU A 791 30.26 12.31 16.51
C LEU A 791 30.11 13.82 16.39
N TRP A 792 28.87 14.30 16.17
CA TRP A 792 28.64 15.74 16.09
C TRP A 792 29.02 16.45 17.39
N SER A 793 28.77 15.80 18.53
CA SER A 793 29.08 16.43 19.81
C SER A 793 30.59 16.49 20.04
N GLU A 794 31.36 15.59 19.45
CA GLU A 794 32.82 15.68 19.52
C GLU A 794 33.38 16.74 18.58
N LEU A 795 32.66 17.10 17.53
CA LEU A 795 33.13 18.07 16.55
C LEU A 795 32.71 19.49 16.86
N ASN A 796 31.59 19.66 17.56
CA ASN A 796 30.93 20.96 17.64
C ASN A 796 30.04 20.96 18.87
N GLY A 797 29.87 22.14 19.47
CA GLY A 797 29.13 22.26 20.71
C GLY A 797 27.67 22.63 20.58
N ALA A 798 27.25 23.08 19.40
CA ALA A 798 25.85 23.42 19.19
C ALA A 798 24.99 22.17 19.15
N LYS A 799 23.68 22.36 19.34
CA LYS A 799 22.73 21.27 19.18
C LYS A 799 22.63 20.90 17.69
N LEU A 800 22.84 19.62 17.36
CA LEU A 800 22.81 19.19 15.97
C LEU A 800 21.54 19.66 15.27
N TRP A 801 20.39 19.46 15.91
CA TRP A 801 19.12 19.82 15.29
C TRP A 801 18.90 21.32 15.22
N GLU A 802 19.70 22.12 15.93
CA GLU A 802 19.64 23.56 15.78
C GLU A 802 20.68 24.09 14.81
N ALA A 803 21.72 23.30 14.50
CA ALA A 803 22.57 23.61 13.36
C ALA A 803 21.83 23.37 12.05
N GLY A 804 20.89 22.43 12.04
CA GLY A 804 20.03 22.23 10.89
C GLY A 804 20.71 21.53 9.74
N TRP A 805 19.91 21.33 8.69
CA TRP A 805 20.39 20.62 7.52
C TRP A 805 21.49 21.41 6.84
N PRO A 806 22.54 20.75 6.34
CA PRO A 806 23.62 21.48 5.67
C PRO A 806 23.11 22.28 4.46
N THR A 807 23.63 23.49 4.32
CA THR A 807 23.34 24.35 3.17
C THR A 807 24.35 24.07 2.07
N VAL A 808 23.90 24.15 0.83
CA VAL A 808 24.81 24.11 -0.30
C VAL A 808 25.42 25.49 -0.48
N ASP A 809 26.75 25.52 -0.59
CA ASP A 809 27.49 26.73 -0.93
C ASP A 809 27.67 26.74 -2.45
N GLU A 810 26.87 27.56 -3.13
CA GLU A 810 26.93 27.63 -4.60
C GLU A 810 28.32 28.04 -5.07
N ALA A 811 28.97 28.96 -4.35
CA ALA A 811 30.30 29.42 -4.74
C ALA A 811 31.30 28.28 -4.80
N ALA A 812 31.16 27.28 -3.92
CA ALA A 812 32.03 26.11 -3.96
C ALA A 812 31.83 25.28 -5.22
N LEU A 813 30.76 25.54 -5.99
CA LEU A 813 30.44 24.78 -7.19
C LEU A 813 30.85 25.50 -8.48
N VAL A 814 31.24 26.77 -8.40
CA VAL A 814 31.77 27.46 -9.57
C VAL A 814 33.25 27.11 -9.70
N LYS A 815 33.66 26.73 -10.90
CA LYS A 815 35.04 26.34 -11.15
C LYS A 815 35.83 27.52 -11.70
N SER A 816 37.15 27.40 -11.62
CA SER A 816 38.03 28.51 -11.95
C SER A 816 37.85 28.94 -13.41
N GLU A 817 38.32 30.15 -13.69
CA GLU A 817 38.14 30.78 -14.99
C GLU A 817 39.32 31.71 -15.23
N ILE A 818 39.83 31.74 -16.46
CA ILE A 818 40.89 32.68 -16.81
C ILE A 818 40.86 32.95 -18.31
N GLU A 819 40.48 34.18 -18.67
CA GLU A 819 40.35 34.56 -20.07
C GLU A 819 41.73 34.88 -20.64
N VAL A 820 42.09 34.20 -21.73
CA VAL A 820 43.35 34.42 -22.41
C VAL A 820 43.06 34.87 -23.84
N MET A 821 43.82 35.85 -24.33
CA MET A 821 43.64 36.34 -25.68
C MET A 821 44.32 35.42 -26.67
N VAL A 822 43.65 35.18 -27.80
CA VAL A 822 44.18 34.37 -28.89
C VAL A 822 44.68 35.30 -29.98
N GLN A 823 45.88 35.03 -30.51
CA GLN A 823 46.45 35.87 -31.55
C GLN A 823 47.40 35.03 -32.40
N VAL A 824 47.26 35.12 -33.72
CA VAL A 824 48.09 34.41 -34.67
C VAL A 824 48.89 35.43 -35.46
N ASN A 825 50.21 35.26 -35.50
CA ASN A 825 51.15 36.19 -36.14
C ASN A 825 51.09 37.59 -35.52
N GLY A 826 50.60 37.69 -34.28
CA GLY A 826 50.60 38.94 -33.56
C GLY A 826 49.28 39.69 -33.52
N LYS A 827 48.25 39.20 -34.21
CA LYS A 827 46.96 39.87 -34.30
C LYS A 827 45.88 39.00 -33.69
N LEU A 828 45.03 39.59 -32.87
CA LEU A 828 43.92 38.87 -32.24
C LEU A 828 42.90 38.39 -33.26
N ALA A 841 50.90 23.96 -22.93
CA ALA A 841 50.27 22.68 -23.21
C ALA A 841 48.77 22.71 -22.93
N ASP A 842 48.39 23.17 -21.73
CA ASP A 842 46.98 23.25 -21.38
C ASP A 842 46.23 24.22 -22.29
N LEU A 843 46.70 25.47 -22.36
CA LEU A 843 46.04 26.47 -23.20
C LEU A 843 46.41 26.33 -24.68
N GLU A 844 47.53 25.68 -24.99
CA GLU A 844 47.88 25.44 -26.39
C GLU A 844 46.83 24.58 -27.09
N ALA A 845 46.19 23.66 -26.35
CA ALA A 845 45.18 22.80 -26.94
C ALA A 845 43.86 23.53 -27.11
N ALA A 846 43.51 24.42 -26.16
CA ALA A 846 42.24 25.13 -26.25
C ALA A 846 42.28 26.20 -27.34
N ALA A 847 43.37 26.98 -27.40
CA ALA A 847 43.47 28.01 -28.42
C ALA A 847 43.53 27.42 -29.82
N LEU A 848 44.14 26.24 -29.96
CA LEU A 848 44.12 25.54 -31.24
C LEU A 848 42.73 25.04 -31.60
N ALA A 849 41.85 24.87 -30.60
CA ALA A 849 40.47 24.49 -30.85
C ALA A 849 39.62 25.64 -31.36
N ASN A 850 40.20 26.83 -31.48
CA ASN A 850 39.50 27.99 -32.01
C ASN A 850 39.71 28.10 -33.52
N ILE A 865 54.19 28.19 -31.67
CA ILE A 865 53.19 28.40 -30.63
C ILE A 865 53.83 28.51 -29.24
N ILE A 866 54.06 29.75 -28.80
CA ILE A 866 54.61 30.03 -27.47
C ILE A 866 53.49 30.61 -26.61
N VAL A 867 53.45 30.20 -25.35
CA VAL A 867 52.41 30.64 -24.41
C VAL A 867 53.09 31.41 -23.28
N VAL A 868 52.60 32.62 -23.03
CA VAL A 868 52.97 33.38 -21.84
C VAL A 868 52.01 33.00 -20.72
N PRO A 869 52.49 32.43 -19.60
CA PRO A 869 51.60 31.78 -18.63
C PRO A 869 50.42 32.63 -18.15
N GLY A 870 49.21 32.25 -18.58
CA GLY A 870 47.98 32.71 -17.97
C GLY A 870 47.25 33.82 -18.70
N ARG A 871 47.93 34.60 -19.53
CA ARG A 871 47.32 35.77 -20.16
CA ARG A 871 47.29 35.75 -20.15
C ARG A 871 47.20 35.66 -21.67
N LEU A 872 48.22 35.14 -22.34
CA LEU A 872 48.25 35.20 -23.79
C LEU A 872 48.76 33.88 -24.37
N VAL A 873 48.24 33.55 -25.55
CA VAL A 873 48.70 32.44 -26.36
C VAL A 873 48.88 32.94 -27.79
N ASN A 874 50.06 32.69 -28.37
CA ASN A 874 50.41 33.16 -29.69
C ASN A 874 50.72 31.97 -30.58
N ILE A 875 50.03 31.87 -31.72
CA ILE A 875 50.14 30.72 -32.61
C ILE A 875 51.03 31.12 -33.79
N VAL A 876 52.25 30.57 -33.82
CA VAL A 876 53.24 30.90 -34.85
C VAL A 876 52.77 30.39 -36.20
N VAL A 877 52.13 31.26 -36.98
CA VAL A 877 51.62 30.90 -38.29
C VAL A 877 52.53 31.48 -39.37
#